data_6TY6
#
_entry.id   6TY6
#
_cell.length_a   78.384
_cell.length_b   148.357
_cell.length_c   246.008
_cell.angle_alpha   90.000
_cell.angle_beta   90.000
_cell.angle_gamma   90.000
#
_symmetry.space_group_name_H-M   'I 2 2 2'
#
loop_
_entity.id
_entity.type
_entity.pdbx_description
1 polymer 'Beta lactamase (GNCA4-2)'
2 non-polymer GLYCEROL
3 non-polymer 'FORMIC ACID'
4 non-polymer 'ACETATE ION'
5 non-polymer 'SODIUM ION'
6 non-polymer 6-NITROBENZOTRIAZOLE
7 water water
#
_entity_poly.entity_id   1
_entity_poly.type   'polypeptide(L)'
_entity_poly.pdbx_seq_one_letter_code
;MAAALSEQLAELEKRSGGRLGVAVLDTATGRRFGYRGDERFPMCSTFKALLAAAVLARVDQGKENLDRRITYGKEDLVDY
SPVTEKHVGDGMTVAELCEAAITYSDNTAANLLLEALGGPAALTAFLRSIGDNVTRLDRWEPELNTAAPGDPRDTTTPAA
MAATLRTLLLGDVLSPASRQQLVDWLIANKTGDKRLRAGLPADDRVGDKTGTGEHGTTNDIAVVWPPNRAPIFLAVYLTE
SQVDADARDAVIAEVARLVVAAWLHHHHH
;
_entity_poly.pdbx_strand_id   A,B,C
#
# COMPACT_ATOMS: atom_id res chain seq x y z
N ALA A 3 33.53 22.44 11.14
CA ALA A 3 33.07 22.50 12.53
C ALA A 3 34.04 21.69 13.41
N ALA A 4 34.36 22.19 14.61
CA ALA A 4 34.96 21.31 15.60
C ALA A 4 33.98 20.18 15.92
N LEU A 5 32.68 20.45 15.92
CA LEU A 5 31.73 19.39 16.25
C LEU A 5 31.78 18.28 15.21
N SER A 6 31.96 18.61 13.91
CA SER A 6 32.02 17.52 12.93
C SER A 6 33.20 16.62 13.20
N GLU A 7 34.34 17.22 13.58
N GLU A 7 34.35 17.19 13.57
CA GLU A 7 35.55 16.47 13.86
CA GLU A 7 35.52 16.37 13.83
C GLU A 7 35.42 15.66 15.13
C GLU A 7 35.40 15.62 15.14
N GLN A 8 34.80 16.25 16.16
CA GLN A 8 34.58 15.53 17.41
C GLN A 8 33.70 14.32 17.17
N LEU A 9 32.66 14.47 16.34
N LEU A 9 32.65 14.48 16.35
CA LEU A 9 31.81 13.33 16.04
CA LEU A 9 31.79 13.36 16.00
C LEU A 9 32.54 12.30 15.17
C LEU A 9 32.53 12.32 15.17
N ALA A 10 33.47 12.74 14.32
CA ALA A 10 34.24 11.77 13.55
C ALA A 10 35.07 10.88 14.47
N GLU A 11 35.66 11.50 15.49
N GLU A 11 35.69 11.48 15.45
CA GLU A 11 36.49 10.78 16.46
CA GLU A 11 36.47 10.70 16.40
C GLU A 11 35.65 9.86 17.34
C GLU A 11 35.56 9.77 17.19
N LEU A 12 34.44 10.31 17.69
CA LEU A 12 33.53 9.47 18.45
C LEU A 12 33.06 8.32 17.60
N GLU A 13 32.67 8.60 16.34
CA GLU A 13 32.33 7.54 15.40
C GLU A 13 33.40 6.46 15.33
N LYS A 14 34.68 6.88 15.14
N LYS A 14 34.67 6.88 15.09
CA LYS A 14 35.78 5.94 15.02
CA LYS A 14 35.78 5.93 15.01
C LYS A 14 35.95 5.08 16.28
C LYS A 14 35.83 5.03 16.24
N ARG A 15 35.89 5.69 17.46
N ARG A 15 35.87 5.64 17.43
CA ARG A 15 35.86 4.87 18.68
CA ARG A 15 35.89 4.86 18.67
C ARG A 15 34.72 3.85 18.66
C ARG A 15 34.65 3.98 18.85
N SER A 16 33.56 4.24 18.13
CA SER A 16 32.43 3.32 18.18
C SER A 16 32.61 2.13 17.22
N GLY A 17 33.56 2.23 16.28
CA GLY A 17 33.70 1.19 15.26
C GLY A 17 32.57 1.12 14.26
N GLY A 18 31.54 1.96 14.41
CA GLY A 18 30.45 1.87 13.44
C GLY A 18 30.21 3.12 12.62
N ARG A 19 28.95 3.38 12.28
CA ARG A 19 28.59 4.51 11.45
C ARG A 19 27.60 5.36 12.24
N LEU A 20 27.91 6.65 12.38
CA LEU A 20 27.15 7.50 13.25
C LEU A 20 26.45 8.63 12.48
N GLY A 21 25.13 8.79 12.70
CA GLY A 21 24.46 9.92 12.10
C GLY A 21 23.77 10.84 13.09
N VAL A 22 23.94 12.15 12.88
CA VAL A 22 23.43 13.17 13.80
C VAL A 22 22.77 14.30 13.02
N ALA A 23 21.50 14.62 13.35
CA ALA A 23 20.91 15.87 12.88
C ALA A 23 20.33 16.67 14.03
N VAL A 24 20.59 17.99 13.98
CA VAL A 24 20.10 18.98 14.93
C VAL A 24 19.33 20.03 14.15
N LEU A 25 18.10 20.30 14.61
CA LEU A 25 17.22 21.33 14.03
C LEU A 25 16.72 22.25 15.16
N ASP A 26 17.21 23.48 15.21
CA ASP A 26 16.90 24.42 16.30
C ASP A 26 15.79 25.37 15.82
N THR A 27 14.56 25.20 16.36
CA THR A 27 13.48 26.07 15.89
C THR A 27 13.54 27.48 16.40
N ALA A 28 14.37 27.77 17.40
CA ALA A 28 14.43 29.17 17.86
C ALA A 28 15.11 30.06 16.84
N THR A 29 16.06 29.50 16.09
CA THR A 29 16.97 30.25 15.24
C THR A 29 16.97 29.77 13.82
N GLY A 30 16.43 28.58 13.55
CA GLY A 30 16.57 27.96 12.26
C GLY A 30 17.89 27.22 12.06
N ARG A 31 18.81 27.33 13.01
CA ARG A 31 20.10 26.69 12.83
C ARG A 31 19.94 25.16 12.68
N ARG A 32 20.77 24.59 11.81
N ARG A 32 20.76 24.59 11.81
CA ARG A 32 20.77 23.15 11.55
CA ARG A 32 20.78 23.15 11.55
C ARG A 32 22.20 22.64 11.58
C ARG A 32 22.21 22.65 11.63
N PHE A 33 22.36 21.38 11.96
CA PHE A 33 23.65 20.72 11.91
C PHE A 33 23.42 19.30 11.47
N GLY A 34 24.35 18.77 10.70
CA GLY A 34 24.25 17.37 10.30
C GLY A 34 25.63 16.71 10.23
N TYR A 35 25.68 15.46 10.68
CA TYR A 35 26.86 14.60 10.52
C TYR A 35 26.29 13.32 9.91
N ARG A 36 26.58 13.07 8.62
CA ARG A 36 25.89 12.03 7.86
C ARG A 36 24.39 12.22 7.91
N GLY A 37 23.94 13.47 7.86
CA GLY A 37 22.53 13.70 8.06
C GLY A 37 21.68 13.23 6.92
N ASP A 38 22.32 12.93 5.81
CA ASP A 38 21.57 12.49 4.64
C ASP A 38 21.86 11.05 4.27
N GLU A 39 22.53 10.30 5.15
CA GLU A 39 22.64 8.86 4.91
C GLU A 39 21.47 8.11 5.55
N ARG A 40 21.10 6.94 5.00
CA ARG A 40 20.02 6.11 5.56
C ARG A 40 20.56 5.29 6.72
N PHE A 41 19.68 5.07 7.74
CA PHE A 41 19.99 4.31 8.94
C PHE A 41 18.73 3.55 9.32
N PRO A 42 18.88 2.34 9.83
CA PRO A 42 17.74 1.54 10.30
C PRO A 42 17.05 2.28 11.43
N MET A 43 15.71 2.44 11.32
CA MET A 43 14.99 3.17 12.38
C MET A 43 14.89 2.37 13.67
N CYS A 44 14.68 1.08 13.53
CA CYS A 44 14.18 0.28 14.67
C CYS A 44 13.10 1.07 15.38
N SER A 45 13.04 1.12 16.73
CA SER A 45 11.79 1.56 17.37
C SER A 45 11.57 3.07 17.28
N THR A 46 12.53 3.79 16.69
CA THR A 46 12.26 5.19 16.55
C THR A 46 11.11 5.42 15.62
N PHE A 47 10.77 4.44 14.70
CA PHE A 47 9.59 4.66 13.86
C PHE A 47 8.28 4.75 14.67
N LYS A 48 8.26 4.28 15.92
CA LYS A 48 6.98 4.24 16.67
C LYS A 48 6.50 5.64 16.99
N ALA A 49 7.40 6.63 16.99
CA ALA A 49 6.98 8.01 17.17
C ALA A 49 6.18 8.48 15.97
N LEU A 50 6.60 8.04 14.77
CA LEU A 50 5.81 8.27 13.54
C LEU A 50 4.51 7.46 13.57
N LEU A 51 4.57 6.18 13.99
CA LEU A 51 3.36 5.36 14.03
C LEU A 51 2.25 6.03 14.84
N ALA A 52 2.60 6.55 16.03
CA ALA A 52 1.60 7.18 16.89
C ALA A 52 1.00 8.40 16.23
N ALA A 53 1.87 9.17 15.54
CA ALA A 53 1.42 10.38 14.90
C ALA A 53 0.43 10.05 13.83
N ALA A 54 0.68 8.92 13.11
CA ALA A 54 -0.22 8.53 12.04
C ALA A 54 -1.57 8.08 12.62
N VAL A 55 -1.50 7.47 13.81
CA VAL A 55 -2.77 7.07 14.45
C VAL A 55 -3.51 8.31 14.91
N LEU A 56 -2.79 9.23 15.56
CA LEU A 56 -3.45 10.46 15.98
C LEU A 56 -4.03 11.25 14.79
N ALA A 57 -3.30 11.27 13.66
CA ALA A 57 -3.91 11.90 12.47
C ALA A 57 -5.29 11.36 12.18
N ARG A 58 -5.45 10.01 12.21
CA ARG A 58 -6.75 9.42 11.88
C ARG A 58 -7.79 9.74 12.93
N VAL A 59 -7.39 9.75 14.21
CA VAL A 59 -8.30 10.24 15.25
C VAL A 59 -8.79 11.65 14.92
N ASP A 60 -7.85 12.52 14.57
CA ASP A 60 -8.17 13.89 14.17
C ASP A 60 -9.16 13.90 12.99
N GLN A 61 -9.04 12.91 12.06
CA GLN A 61 -9.89 12.85 10.86
C GLN A 61 -11.25 12.24 11.15
N GLY A 62 -11.49 11.76 12.37
CA GLY A 62 -12.77 11.13 12.65
C GLY A 62 -12.83 9.67 12.21
N LYS A 63 -11.67 9.08 11.90
CA LYS A 63 -11.60 7.72 11.37
C LYS A 63 -11.10 6.73 12.41
N GLU A 64 -10.72 7.19 13.59
CA GLU A 64 -10.16 6.35 14.62
C GLU A 64 -10.51 7.01 15.96
N ASN A 65 -10.44 6.23 17.04
N ASN A 65 -10.50 6.23 17.03
CA ASN A 65 -10.87 6.66 18.38
CA ASN A 65 -10.83 6.75 18.36
C ASN A 65 -9.84 6.21 19.41
C ASN A 65 -9.84 6.24 19.38
N LEU A 66 -9.37 7.12 20.26
CA LEU A 66 -8.38 6.73 21.25
C LEU A 66 -8.92 5.70 22.23
N ASP A 67 -10.24 5.68 22.44
N ASP A 67 -10.24 5.67 22.44
CA ASP A 67 -10.85 4.75 23.37
CA ASP A 67 -10.79 4.72 23.39
C ASP A 67 -11.23 3.43 22.75
C ASP A 67 -11.30 3.45 22.74
N ARG A 68 -11.09 3.25 21.43
CA ARG A 68 -11.37 1.95 20.86
C ARG A 68 -10.49 0.84 21.46
N ARG A 69 -11.12 -0.28 21.87
CA ARG A 69 -10.41 -1.39 22.51
C ARG A 69 -10.05 -2.44 21.49
N ILE A 70 -8.81 -2.94 21.57
CA ILE A 70 -8.32 -4.00 20.68
C ILE A 70 -7.99 -5.20 21.55
N THR A 71 -8.45 -6.37 21.15
CA THR A 71 -8.11 -7.57 21.89
C THR A 71 -7.23 -8.42 21.01
N TYR A 72 -6.46 -9.28 21.65
CA TYR A 72 -5.49 -10.13 20.94
C TYR A 72 -5.19 -11.32 21.83
N GLY A 73 -4.64 -12.40 21.22
CA GLY A 73 -4.31 -13.59 21.95
C GLY A 73 -2.83 -13.68 22.25
N LYS A 74 -2.51 -14.67 23.07
CA LYS A 74 -1.13 -14.84 23.54
C LYS A 74 -0.20 -15.15 22.37
N GLU A 75 -0.68 -15.87 21.35
N GLU A 75 -0.71 -15.86 21.35
CA GLU A 75 0.15 -16.14 20.16
CA GLU A 75 -0.01 -16.20 20.12
C GLU A 75 0.54 -14.87 19.41
C GLU A 75 0.20 -14.99 19.20
N ASP A 76 -0.19 -13.78 19.62
CA ASP A 76 0.08 -12.57 18.88
C ASP A 76 1.23 -11.79 19.45
N LEU A 77 1.67 -12.10 20.67
CA LEU A 77 2.73 -11.35 21.29
C LEU A 77 4.07 -11.60 20.59
N VAL A 78 4.82 -10.54 20.32
CA VAL A 78 6.21 -10.73 19.92
C VAL A 78 7.10 -10.39 21.12
N ASP A 79 8.41 -10.58 20.98
N ASP A 79 8.41 -10.48 20.92
CA ASP A 79 9.30 -10.27 22.11
CA ASP A 79 9.39 -10.13 21.95
C ASP A 79 9.29 -8.77 22.38
C ASP A 79 9.27 -8.65 22.34
N TYR A 80 9.73 -8.38 23.60
N TYR A 80 9.90 -8.31 23.47
CA TYR A 80 9.83 -6.98 24.01
CA TYR A 80 9.81 -7.00 24.11
C TYR A 80 8.44 -6.34 24.11
C TYR A 80 8.42 -6.41 24.04
N SER A 81 7.49 -7.04 24.74
CA SER A 81 6.13 -6.52 24.87
C SER A 81 5.73 -6.44 26.33
N PRO A 82 6.41 -5.61 27.13
CA PRO A 82 6.21 -5.66 28.59
C PRO A 82 4.83 -5.21 29.03
N VAL A 83 4.13 -4.40 28.24
CA VAL A 83 2.78 -3.92 28.60
C VAL A 83 1.72 -4.82 28.02
N THR A 84 1.76 -5.02 26.67
CA THR A 84 0.78 -5.89 26.06
C THR A 84 0.76 -7.30 26.63
N GLU A 85 1.89 -7.86 27.06
CA GLU A 85 1.79 -9.20 27.61
C GLU A 85 0.94 -9.28 28.89
N LYS A 86 0.68 -8.16 29.54
CA LYS A 86 -0.17 -8.09 30.74
C LYS A 86 -1.65 -7.92 30.45
N HIS A 87 -2.08 -7.91 29.18
CA HIS A 87 -3.45 -7.59 28.82
C HIS A 87 -3.98 -8.48 27.73
N VAL A 88 -3.51 -9.72 27.70
CA VAL A 88 -4.08 -10.71 26.81
C VAL A 88 -5.53 -10.96 27.19
N GLY A 89 -5.85 -10.84 28.47
CA GLY A 89 -7.21 -11.13 28.90
C GLY A 89 -8.18 -10.02 28.52
N ASP A 90 -7.83 -8.76 28.79
CA ASP A 90 -8.79 -7.67 28.69
C ASP A 90 -8.55 -6.73 27.52
N GLY A 91 -7.42 -6.81 26.84
CA GLY A 91 -7.15 -5.95 25.70
C GLY A 91 -6.67 -4.61 26.16
N MET A 92 -6.49 -3.73 25.19
CA MET A 92 -6.00 -2.38 25.43
C MET A 92 -6.67 -1.41 24.48
N THR A 93 -6.79 -0.16 24.92
CA THR A 93 -7.30 0.80 23.96
C THR A 93 -6.18 1.34 23.05
N VAL A 94 -6.64 1.96 21.94
CA VAL A 94 -5.68 2.56 21.01
C VAL A 94 -4.73 3.50 21.74
N ALA A 95 -5.28 4.35 22.65
CA ALA A 95 -4.45 5.26 23.42
C ALA A 95 -3.43 4.50 24.26
N GLU A 96 -3.90 3.46 24.92
CA GLU A 96 -3.00 2.67 25.76
C GLU A 96 -1.87 2.06 24.94
N LEU A 97 -2.24 1.56 23.73
CA LEU A 97 -1.24 0.94 22.88
C LEU A 97 -0.19 1.95 22.43
N CYS A 98 -0.62 3.17 22.06
CA CYS A 98 0.35 4.22 21.69
C CYS A 98 1.24 4.56 22.86
N GLU A 99 0.60 4.64 24.03
CA GLU A 99 1.40 4.94 25.23
C GLU A 99 2.44 3.85 25.45
N ALA A 100 2.04 2.58 25.35
CA ALA A 100 3.01 1.50 25.54
C ALA A 100 4.08 1.47 24.44
N ALA A 101 3.67 1.67 23.18
CA ALA A 101 4.66 1.63 22.09
C ALA A 101 5.68 2.75 22.23
N ILE A 102 5.26 3.94 22.67
CA ILE A 102 6.20 5.03 22.80
C ILE A 102 7.02 4.90 24.09
N THR A 103 6.34 4.72 25.23
CA THR A 103 7.11 4.94 26.50
C THR A 103 7.83 3.72 27.02
N TYR A 104 7.47 2.51 26.55
CA TYR A 104 8.12 1.26 26.90
C TYR A 104 8.61 0.54 25.67
N SER A 105 8.30 1.08 24.48
CA SER A 105 8.81 0.55 23.22
C SER A 105 8.28 -0.84 23.07
N ASP A 106 6.98 -1.00 23.40
CA ASP A 106 6.34 -2.28 23.35
C ASP A 106 6.22 -2.69 21.86
N ASN A 107 6.64 -3.92 21.51
CA ASN A 107 6.66 -4.31 20.09
C ASN A 107 5.31 -4.80 19.61
N THR A 108 4.59 -5.62 20.40
CA THR A 108 3.25 -6.01 19.99
C THR A 108 2.35 -4.81 19.85
N ALA A 109 2.45 -3.90 20.78
CA ALA A 109 1.68 -2.67 20.67
C ALA A 109 1.89 -2.02 19.31
N ALA A 110 3.14 -1.98 18.84
CA ALA A 110 3.38 -1.38 17.54
C ALA A 110 2.75 -2.21 16.42
N ASN A 111 2.79 -3.55 16.55
CA ASN A 111 2.15 -4.33 15.47
C ASN A 111 0.64 -4.08 15.47
N LEU A 112 0.05 -3.99 16.68
CA LEU A 112 -1.42 -3.80 16.67
C LEU A 112 -1.77 -2.44 16.06
N LEU A 113 -0.97 -1.42 16.35
CA LEU A 113 -1.27 -0.11 15.77
C LEU A 113 -1.00 -0.13 14.25
N LEU A 114 0.06 -0.81 13.84
CA LEU A 114 0.29 -0.94 12.39
C LEU A 114 -0.91 -1.61 11.72
N GLU A 115 -1.49 -2.64 12.35
CA GLU A 115 -2.74 -3.19 11.83
C GLU A 115 -3.84 -2.14 11.78
N ALA A 116 -3.98 -1.37 12.87
CA ALA A 116 -4.93 -0.26 12.86
C ALA A 116 -4.76 0.70 11.66
N LEU A 117 -3.51 0.92 11.21
N LEU A 117 -3.49 0.96 11.21
CA LEU A 117 -3.29 1.74 10.04
CA LEU A 117 -3.35 1.78 10.02
C LEU A 117 -3.56 0.99 8.75
C LEU A 117 -3.60 1.01 8.73
N GLY A 118 -3.38 -0.32 8.75
CA GLY A 118 -3.40 -1.12 7.55
C GLY A 118 -2.02 -1.56 7.08
N GLY A 119 -1.01 -1.40 7.92
CA GLY A 119 0.30 -1.98 7.72
C GLY A 119 1.41 -0.97 7.41
N PRO A 120 2.63 -1.46 7.34
CA PRO A 120 3.78 -0.55 7.04
C PRO A 120 3.57 0.38 5.85
N ALA A 121 3.04 -0.12 4.74
CA ALA A 121 2.87 0.78 3.59
C ALA A 121 1.92 1.92 3.90
N ALA A 122 0.88 1.69 4.78
CA ALA A 122 0.04 2.81 5.10
C ALA A 122 0.79 3.80 6.01
N LEU A 123 1.73 3.35 6.83
CA LEU A 123 2.50 4.38 7.52
C LEU A 123 3.35 5.13 6.51
N THR A 124 3.84 4.42 5.49
CA THR A 124 4.75 5.12 4.54
C THR A 124 3.93 6.15 3.81
N ALA A 125 2.67 5.83 3.53
CA ALA A 125 1.82 6.75 2.78
C ALA A 125 1.48 8.00 3.61
N PHE A 126 1.28 7.80 4.94
CA PHE A 126 1.16 8.96 5.83
C PHE A 126 2.37 9.87 5.72
N LEU A 127 3.57 9.31 5.92
CA LEU A 127 4.77 10.15 5.72
C LEU A 127 4.82 10.90 4.39
N ARG A 128 4.61 10.18 3.26
CA ARG A 128 4.58 10.88 1.99
C ARG A 128 3.54 12.00 2.00
N SER A 129 2.36 11.78 2.62
CA SER A 129 1.31 12.80 2.59
C SER A 129 1.71 14.05 3.37
N ILE A 130 2.69 13.98 4.28
CA ILE A 130 3.13 15.22 4.92
C ILE A 130 4.48 15.72 4.37
N GLY A 131 4.96 15.15 3.28
CA GLY A 131 6.18 15.69 2.68
C GLY A 131 7.48 15.10 3.12
N ASP A 132 7.46 14.00 3.87
CA ASP A 132 8.65 13.24 4.17
C ASP A 132 8.74 12.24 3.00
N ASN A 133 9.71 12.44 2.13
CA ASN A 133 9.83 11.64 0.88
C ASN A 133 10.97 10.65 1.02
N VAL A 134 11.47 10.46 2.25
CA VAL A 134 12.66 9.70 2.57
C VAL A 134 12.35 8.47 3.44
N THR A 135 11.78 8.72 4.63
CA THR A 135 11.52 7.65 5.58
C THR A 135 10.64 6.58 4.97
N ARG A 136 10.98 5.32 5.27
CA ARG A 136 10.08 4.25 4.84
C ARG A 136 9.96 3.14 5.86
N LEU A 137 8.73 2.64 6.08
CA LEU A 137 8.51 1.37 6.78
C LEU A 137 8.12 0.29 5.81
N ASP A 138 8.73 -0.87 5.99
CA ASP A 138 8.49 -1.98 5.06
C ASP A 138 7.97 -3.23 5.75
N ARG A 139 8.36 -3.46 7.01
CA ARG A 139 8.19 -4.76 7.66
C ARG A 139 7.51 -4.55 9.00
N TRP A 140 7.04 -5.64 9.59
CA TRP A 140 6.43 -5.59 10.91
C TRP A 140 7.43 -5.94 12.01
N GLU A 141 6.94 -5.87 13.30
CA GLU A 141 7.87 -6.39 14.32
C GLU A 141 7.85 -7.90 14.30
N PRO A 142 8.98 -8.57 14.55
CA PRO A 142 10.26 -7.95 14.94
C PRO A 142 11.23 -7.73 13.78
N GLU A 143 10.83 -8.19 12.59
CA GLU A 143 11.75 -8.19 11.45
C GLU A 143 12.24 -6.80 11.06
N LEU A 144 11.45 -5.76 11.30
CA LEU A 144 11.96 -4.44 10.89
C LEU A 144 13.24 -4.02 11.63
N ASN A 145 13.66 -4.79 12.64
CA ASN A 145 14.85 -4.43 13.39
C ASN A 145 16.12 -5.16 12.90
N THR A 146 16.09 -5.85 11.74
CA THR A 146 17.26 -6.63 11.39
C THR A 146 18.45 -5.73 11.10
N ALA A 147 18.20 -4.52 10.58
CA ALA A 147 19.27 -3.51 10.38
C ALA A 147 20.50 -4.05 9.63
N ALA A 148 20.24 -4.76 8.52
CA ALA A 148 21.34 -5.27 7.71
C ALA A 148 22.05 -4.12 7.00
N PRO A 149 23.36 -4.10 6.93
CA PRO A 149 24.01 -3.05 6.14
C PRO A 149 23.57 -3.11 4.67
N GLY A 150 23.28 -1.93 4.09
CA GLY A 150 22.94 -1.87 2.66
C GLY A 150 21.47 -2.09 2.36
N ASP A 151 20.68 -2.50 3.34
CA ASP A 151 19.26 -2.79 3.13
C ASP A 151 18.48 -1.52 3.42
N PRO A 152 17.83 -0.90 2.44
CA PRO A 152 17.11 0.36 2.71
C PRO A 152 15.72 0.17 3.31
N ARG A 153 15.29 -1.05 3.53
CA ARG A 153 14.00 -1.24 4.18
C ARG A 153 14.02 -0.68 5.62
N ASP A 154 12.91 -0.06 6.03
CA ASP A 154 12.74 0.42 7.41
C ASP A 154 13.82 1.42 7.81
N THR A 155 14.20 2.31 6.90
CA THR A 155 15.20 3.31 7.24
C THR A 155 14.64 4.73 7.18
N THR A 156 15.37 5.62 7.85
CA THR A 156 15.18 7.05 7.66
C THR A 156 16.56 7.67 7.44
N THR A 157 16.63 9.01 7.37
CA THR A 157 17.93 9.68 7.48
C THR A 157 17.85 10.57 8.76
N PRO A 158 18.93 10.85 9.39
CA PRO A 158 18.83 11.70 10.60
C PRO A 158 18.13 13.03 10.28
N ALA A 159 18.51 13.67 9.14
CA ALA A 159 17.92 14.95 8.75
C ALA A 159 16.41 14.83 8.52
N ALA A 160 15.98 13.81 7.74
CA ALA A 160 14.56 13.60 7.46
C ALA A 160 13.77 13.37 8.76
N MET A 161 14.31 12.52 9.65
CA MET A 161 13.57 12.22 10.87
C MET A 161 13.49 13.48 11.78
N ALA A 162 14.55 14.28 11.84
CA ALA A 162 14.45 15.50 12.68
C ALA A 162 13.42 16.44 12.08
N ALA A 163 13.33 16.49 10.73
CA ALA A 163 12.41 17.43 10.10
C ALA A 163 10.99 16.93 10.25
N THR A 164 10.81 15.60 10.19
CA THR A 164 9.46 15.11 10.29
C THR A 164 8.95 15.25 11.73
N LEU A 165 9.79 14.91 12.68
CA LEU A 165 9.41 15.11 14.09
C LEU A 165 9.03 16.58 14.33
N ARG A 166 9.84 17.51 13.83
CA ARG A 166 9.50 18.92 13.98
C ARG A 166 8.11 19.23 13.39
N THR A 167 7.83 18.73 12.16
CA THR A 167 6.58 18.96 11.50
C THR A 167 5.41 18.37 12.31
N LEU A 168 5.59 17.16 12.84
CA LEU A 168 4.50 16.53 13.61
C LEU A 168 4.21 17.26 14.92
N LEU A 169 5.26 17.65 15.63
CA LEU A 169 5.09 18.25 16.97
C LEU A 169 4.78 19.73 16.93
N LEU A 170 5.14 20.43 15.86
CA LEU A 170 4.94 21.87 15.83
C LEU A 170 4.08 22.36 14.68
N GLY A 171 3.95 21.58 13.58
CA GLY A 171 3.25 22.02 12.39
C GLY A 171 1.75 21.76 12.48
N ASP A 172 1.10 21.80 11.32
CA ASP A 172 -0.34 21.79 11.25
C ASP A 172 -0.86 20.45 10.82
N VAL A 173 0.01 19.44 10.81
CA VAL A 173 -0.40 18.08 10.49
C VAL A 173 -1.43 17.56 11.51
N LEU A 174 -1.10 17.62 12.80
N LEU A 174 -1.10 17.67 12.80
CA LEU A 174 -1.94 17.14 13.91
CA LEU A 174 -1.95 17.22 13.90
C LEU A 174 -2.66 18.28 14.59
C LEU A 174 -2.82 18.36 14.42
N SER A 175 -3.85 18.00 15.18
CA SER A 175 -4.62 19.03 15.86
C SER A 175 -3.86 19.43 17.12
N PRO A 176 -4.12 20.61 17.67
CA PRO A 176 -3.50 20.97 18.96
C PRO A 176 -3.57 19.89 20.01
N ALA A 177 -4.73 19.27 20.21
CA ALA A 177 -4.86 18.19 21.18
C ALA A 177 -3.97 16.99 20.83
N SER A 178 -3.94 16.55 19.54
CA SER A 178 -3.06 15.42 19.22
C SER A 178 -1.59 15.78 19.30
N ARG A 179 -1.21 17.03 18.95
N ARG A 179 -1.26 17.02 18.91
CA ARG A 179 0.22 17.30 19.08
CA ARG A 179 0.09 17.53 19.07
C ARG A 179 0.61 17.22 20.56
C ARG A 179 0.58 17.37 20.49
N GLN A 180 -0.29 17.71 21.45
CA GLN A 180 0.10 17.78 22.87
C GLN A 180 0.23 16.37 23.40
N GLN A 181 -0.64 15.50 22.89
CA GLN A 181 -0.70 14.12 23.31
C GLN A 181 0.57 13.38 22.88
N LEU A 182 0.98 13.58 21.62
CA LEU A 182 2.26 13.02 21.17
C LEU A 182 3.41 13.53 22.01
N VAL A 183 3.44 14.86 22.23
CA VAL A 183 4.49 15.43 23.09
C VAL A 183 4.48 14.78 24.47
N ASP A 184 3.29 14.64 25.07
CA ASP A 184 3.25 14.09 26.42
C ASP A 184 3.77 12.65 26.46
N TRP A 185 3.52 11.89 25.41
CA TRP A 185 3.96 10.49 25.40
C TRP A 185 5.49 10.45 25.31
N LEU A 186 6.04 11.30 24.45
CA LEU A 186 7.50 11.33 24.30
C LEU A 186 8.16 11.77 25.62
N ILE A 187 7.61 12.79 26.24
CA ILE A 187 8.16 13.26 27.54
C ILE A 187 8.10 12.19 28.58
N ALA A 188 7.09 11.30 28.51
CA ALA A 188 6.93 10.23 29.47
C ALA A 188 7.74 8.97 29.13
N ASN A 189 8.73 9.09 28.20
CA ASN A 189 9.43 7.87 27.79
C ASN A 189 10.24 7.33 28.95
N LYS A 190 10.28 6.00 29.09
N LYS A 190 10.22 6.00 29.10
CA LYS A 190 11.01 5.39 30.19
CA LYS A 190 10.92 5.28 30.18
C LYS A 190 12.17 4.53 29.72
C LYS A 190 12.22 4.61 29.73
N THR A 191 12.45 4.50 28.41
CA THR A 191 13.51 3.65 27.86
C THR A 191 14.77 4.41 27.51
N GLY A 192 14.76 5.72 27.66
CA GLY A 192 15.88 6.53 27.12
C GLY A 192 16.87 7.12 28.14
N ASP A 193 16.86 6.61 29.38
CA ASP A 193 17.59 7.33 30.45
C ASP A 193 19.10 7.26 30.25
N LYS A 194 19.60 6.28 29.51
N LYS A 194 19.60 6.27 29.51
CA LYS A 194 21.04 6.15 29.31
CA LYS A 194 21.05 6.13 29.30
C LYS A 194 21.50 6.74 27.98
C LYS A 194 21.50 6.73 27.98
N ARG A 195 20.59 7.31 27.20
CA ARG A 195 20.97 7.84 25.88
C ARG A 195 20.99 9.37 25.86
N LEU A 196 20.22 10.04 24.97
CA LEU A 196 20.35 11.51 24.88
C LEU A 196 20.09 12.19 26.24
N ARG A 197 19.04 11.76 26.97
CA ARG A 197 18.71 12.37 28.25
C ARG A 197 19.92 12.42 29.17
N ALA A 198 20.72 11.38 29.12
CA ALA A 198 21.83 11.27 30.05
C ALA A 198 22.87 12.37 29.82
N GLY A 199 23.09 12.75 28.58
CA GLY A 199 24.02 13.86 28.33
C GLY A 199 23.41 15.28 28.30
N LEU A 200 22.06 15.47 28.37
CA LEU A 200 21.52 16.82 28.31
C LEU A 200 21.54 17.46 29.72
N PRO A 201 21.72 18.80 29.81
CA PRO A 201 21.61 19.47 31.11
C PRO A 201 20.28 19.09 31.76
N ALA A 202 20.33 18.93 33.09
CA ALA A 202 19.19 18.39 33.83
C ALA A 202 17.98 19.31 33.75
N ASP A 203 18.17 20.61 33.45
CA ASP A 203 17.01 21.51 33.43
C ASP A 203 16.39 21.63 32.03
N ASP A 204 16.78 20.77 31.09
CA ASP A 204 16.10 20.64 29.79
C ASP A 204 14.86 19.77 29.96
N ARG A 205 13.78 20.15 29.29
N ARG A 205 13.72 20.22 29.43
CA ARG A 205 12.57 19.34 29.22
CA ARG A 205 12.60 19.30 29.27
C ARG A 205 12.67 18.49 27.96
C ARG A 205 12.88 18.47 28.02
N VAL A 206 12.60 17.16 28.09
CA VAL A 206 12.92 16.25 26.96
C VAL A 206 11.83 15.24 26.71
N GLY A 207 11.48 15.02 25.42
CA GLY A 207 10.75 13.85 25.04
C GLY A 207 11.61 13.06 24.05
N ASP A 208 11.53 11.74 24.13
CA ASP A 208 12.37 11.02 23.15
C ASP A 208 11.76 9.66 22.82
N LYS A 209 12.26 9.03 21.74
CA LYS A 209 11.96 7.64 21.37
C LYS A 209 13.28 6.94 21.02
N THR A 210 13.54 5.79 21.67
CA THR A 210 14.73 5.00 21.37
C THR A 210 14.44 3.99 20.22
N GLY A 211 15.52 3.45 19.66
CA GLY A 211 15.56 2.26 18.80
C GLY A 211 16.84 1.51 19.08
N THR A 212 16.74 0.16 19.01
CA THR A 212 17.83 -0.77 19.23
C THR A 212 17.65 -1.92 18.25
N GLY A 213 18.73 -2.41 17.66
CA GLY A 213 18.61 -3.45 16.66
C GLY A 213 19.87 -4.27 16.52
N GLU A 214 19.81 -5.22 15.58
CA GLU A 214 20.96 -6.05 15.28
C GLU A 214 22.07 -5.20 14.65
N HIS A 215 23.21 -5.84 14.40
CA HIS A 215 24.38 -5.18 13.78
C HIS A 215 24.80 -3.94 14.57
N GLY A 216 24.77 -4.04 15.91
CA GLY A 216 25.27 -2.93 16.68
C GLY A 216 24.55 -1.63 16.46
N THR A 217 23.19 -1.66 16.57
CA THR A 217 22.37 -0.51 16.26
C THR A 217 21.76 0.03 17.54
N THR A 218 21.93 1.31 17.75
CA THR A 218 21.43 2.04 18.92
C THR A 218 21.06 3.45 18.50
N ASN A 219 19.77 3.84 18.63
CA ASN A 219 19.28 5.13 18.14
C ASN A 219 18.47 5.84 19.23
N ASP A 220 18.35 7.15 19.08
CA ASP A 220 17.48 7.93 19.96
C ASP A 220 17.15 9.21 19.21
N ILE A 221 15.89 9.58 19.16
CA ILE A 221 15.44 10.85 18.60
C ILE A 221 14.72 11.60 19.71
N ALA A 222 14.91 12.91 19.72
CA ALA A 222 14.40 13.65 20.84
C ALA A 222 13.96 15.06 20.42
N VAL A 223 12.94 15.58 21.14
CA VAL A 223 12.61 17.01 21.16
C VAL A 223 13.07 17.56 22.51
N VAL A 224 13.79 18.69 22.51
CA VAL A 224 14.37 19.24 23.73
C VAL A 224 13.95 20.70 23.84
N TRP A 225 13.49 21.11 25.03
CA TRP A 225 13.24 22.51 25.37
C TRP A 225 14.21 22.90 26.45
N PRO A 226 15.30 23.60 26.12
CA PRO A 226 16.08 24.28 27.16
C PRO A 226 15.25 25.37 27.79
N PRO A 227 15.67 25.85 28.97
CA PRO A 227 14.87 26.82 29.70
C PRO A 227 14.58 28.03 28.84
N ASN A 228 13.32 28.44 28.83
CA ASN A 228 12.90 29.69 28.21
C ASN A 228 13.14 29.76 26.71
N ARG A 229 13.13 28.62 26.03
N ARG A 229 13.17 28.62 26.02
CA ARG A 229 13.58 28.53 24.64
CA ARG A 229 13.59 28.59 24.62
C ARG A 229 12.64 27.66 23.83
C ARG A 229 12.70 27.65 23.82
N ALA A 230 12.60 27.95 22.53
CA ALA A 230 11.88 27.11 21.60
C ALA A 230 12.60 25.78 21.42
N PRO A 231 11.92 24.75 20.90
CA PRO A 231 12.50 23.41 21.01
C PRO A 231 13.53 23.17 19.93
N ILE A 232 14.43 22.23 20.24
CA ILE A 232 15.49 21.75 19.34
C ILE A 232 15.24 20.28 19.14
N PHE A 233 15.22 19.84 17.86
CA PHE A 233 15.08 18.42 17.51
C PHE A 233 16.44 17.78 17.28
N LEU A 234 16.61 16.58 17.79
N LEU A 234 16.59 16.62 17.87
CA LEU A 234 17.94 15.94 17.80
CA LEU A 234 17.80 15.83 17.81
C LEU A 234 17.76 14.46 17.46
C LEU A 234 17.41 14.51 17.18
N ALA A 235 18.22 14.04 16.27
CA ALA A 235 18.07 12.67 15.75
C ALA A 235 19.46 12.03 15.69
N VAL A 236 19.63 10.91 16.39
CA VAL A 236 20.97 10.30 16.51
C VAL A 236 20.85 8.83 16.24
N TYR A 237 21.52 8.34 15.22
CA TYR A 237 21.50 6.95 14.77
C TYR A 237 22.91 6.38 14.83
N LEU A 238 23.05 5.16 15.35
CA LEU A 238 24.36 4.48 15.37
C LEU A 238 24.13 3.06 14.92
N THR A 239 24.87 2.63 13.92
CA THR A 239 24.73 1.26 13.46
C THR A 239 26.11 0.71 13.10
N GLU A 240 26.14 -0.60 12.93
CA GLU A 240 27.40 -1.32 12.68
C GLU A 240 28.44 -1.09 13.76
N SER A 241 28.04 -0.60 14.93
CA SER A 241 29.02 -0.38 15.98
C SER A 241 29.60 -1.70 16.50
N GLN A 242 30.85 -1.63 16.95
N GLN A 242 30.84 -1.65 16.96
CA GLN A 242 31.59 -2.79 17.43
CA GLN A 242 31.52 -2.84 17.45
C GLN A 242 31.74 -2.83 18.96
C GLN A 242 31.71 -2.87 18.96
N VAL A 243 31.03 -2.00 19.71
CA VAL A 243 31.11 -2.03 21.17
C VAL A 243 29.77 -2.56 21.72
N ASP A 244 29.77 -2.90 23.01
CA ASP A 244 28.61 -3.57 23.57
C ASP A 244 27.49 -2.57 23.84
N ALA A 245 26.35 -3.07 24.33
CA ALA A 245 25.14 -2.27 24.30
C ALA A 245 25.30 -1.05 25.22
N ASP A 246 25.96 -1.26 26.36
CA ASP A 246 26.14 -0.15 27.30
C ASP A 246 27.05 0.92 26.71
N ALA A 247 28.13 0.51 26.04
CA ALA A 247 29.01 1.51 25.44
C ALA A 247 28.30 2.25 24.30
N ARG A 248 27.43 1.56 23.54
CA ARG A 248 26.68 2.25 22.50
C ARG A 248 25.75 3.30 23.08
N ASP A 249 25.04 2.98 24.19
CA ASP A 249 24.25 4.01 24.86
C ASP A 249 25.12 5.20 25.20
N ALA A 250 26.32 4.95 25.73
CA ALA A 250 27.20 6.04 26.13
C ALA A 250 27.70 6.85 24.93
N VAL A 251 27.72 6.24 23.75
CA VAL A 251 28.04 7.01 22.57
C VAL A 251 26.93 8.03 22.33
N ILE A 252 25.66 7.61 22.56
CA ILE A 252 24.55 8.52 22.32
C ILE A 252 24.56 9.63 23.36
N ALA A 253 24.87 9.29 24.60
CA ALA A 253 24.95 10.32 25.63
C ALA A 253 26.04 11.34 25.25
N GLU A 254 27.18 10.85 24.80
CA GLU A 254 28.26 11.76 24.41
C GLU A 254 27.85 12.66 23.23
N VAL A 255 27.14 12.14 22.23
CA VAL A 255 26.59 13.03 21.21
C VAL A 255 25.84 14.21 21.81
N ALA A 256 24.87 13.92 22.67
CA ALA A 256 24.15 15.00 23.35
C ALA A 256 25.11 15.99 24.03
N ARG A 257 26.09 15.47 24.79
N ARG A 257 26.10 15.47 24.77
CA ARG A 257 27.01 16.39 25.44
CA ARG A 257 27.02 16.37 25.46
C ARG A 257 27.73 17.26 24.42
C ARG A 257 27.80 17.23 24.46
N LEU A 258 28.12 16.66 23.29
CA LEU A 258 28.94 17.42 22.32
C LEU A 258 28.06 18.42 21.60
N VAL A 259 26.82 18.05 21.34
CA VAL A 259 25.93 18.98 20.65
C VAL A 259 25.61 20.17 21.56
N VAL A 260 25.31 19.89 22.83
CA VAL A 260 25.11 20.97 23.80
C VAL A 260 26.32 21.90 23.84
N ALA A 261 27.52 21.32 24.00
CA ALA A 261 28.71 22.15 24.05
C ALA A 261 28.87 22.97 22.77
N ALA A 262 28.64 22.37 21.60
CA ALA A 262 28.76 23.13 20.37
C ALA A 262 27.75 24.26 20.31
N TRP A 263 26.51 24.03 20.82
CA TRP A 263 25.48 25.07 20.79
C TRP A 263 25.79 26.20 21.76
N LEU A 264 26.39 25.87 22.92
CA LEU A 264 26.91 26.90 23.82
C LEU A 264 27.93 27.79 23.13
N HIS A 265 28.79 27.22 22.29
N HIS A 265 28.80 27.17 22.31
CA HIS A 265 29.91 28.01 21.80
CA HIS A 265 29.93 27.83 21.66
C HIS A 265 29.58 28.74 20.50
C HIS A 265 29.46 28.91 20.70
N HIS A 266 28.32 28.65 20.04
CA HIS A 266 27.75 29.65 19.14
C HIS A 266 27.44 30.94 19.87
N HIS A 267 26.74 30.85 21.01
CA HIS A 267 26.28 31.97 21.84
C HIS A 267 25.16 32.76 21.18
N ALA B 3 -27.82 -13.23 28.50
CA ALA B 3 -26.78 -14.22 28.69
C ALA B 3 -27.23 -15.63 28.26
N ALA B 4 -28.55 -15.88 28.05
CA ALA B 4 -28.96 -17.20 27.59
C ALA B 4 -28.44 -17.46 26.17
N LEU B 5 -28.53 -16.47 25.29
CA LEU B 5 -27.98 -16.64 23.94
C LEU B 5 -26.49 -16.94 23.99
N SER B 6 -25.75 -16.27 24.88
CA SER B 6 -24.30 -16.54 24.97
C SER B 6 -24.04 -17.97 25.43
N GLU B 7 -24.88 -18.49 26.32
N GLU B 7 -24.87 -18.49 26.33
CA GLU B 7 -24.74 -19.87 26.77
CA GLU B 7 -24.74 -19.87 26.77
C GLU B 7 -25.08 -20.85 25.65
C GLU B 7 -25.09 -20.84 25.65
N GLN B 8 -26.15 -20.54 24.92
CA GLN B 8 -26.53 -21.38 23.78
C GLN B 8 -25.39 -21.43 22.77
N LEU B 9 -24.81 -20.30 22.49
CA LEU B 9 -23.76 -20.26 21.45
C LEU B 9 -22.49 -20.91 21.94
N ALA B 10 -22.18 -20.82 23.23
CA ALA B 10 -21.05 -21.58 23.78
C ALA B 10 -21.22 -23.07 23.57
N GLU B 11 -22.44 -23.58 23.77
N GLU B 11 -22.44 -23.58 23.77
CA GLU B 11 -22.68 -24.99 23.60
CA GLU B 11 -22.68 -25.00 23.61
C GLU B 11 -22.58 -25.38 22.13
C GLU B 11 -22.61 -25.41 22.13
N LEU B 12 -23.21 -24.62 21.24
CA LEU B 12 -23.12 -24.91 19.81
C LEU B 12 -21.66 -24.87 19.35
N GLU B 13 -20.89 -23.93 19.87
CA GLU B 13 -19.46 -23.90 19.56
C GLU B 13 -18.79 -25.23 19.92
N LYS B 14 -19.11 -25.78 21.10
CA LYS B 14 -18.48 -27.02 21.51
C LYS B 14 -18.81 -28.12 20.51
N ARG B 15 -20.11 -28.24 20.17
N ARG B 15 -20.09 -28.17 20.05
CA ARG B 15 -20.53 -29.15 19.12
CA ARG B 15 -20.57 -29.16 19.09
C ARG B 15 -19.66 -28.99 17.88
C ARG B 15 -20.04 -28.96 17.68
N SER B 16 -19.59 -27.75 17.35
CA SER B 16 -18.86 -27.55 16.11
C SER B 16 -17.41 -28.04 16.20
N GLY B 17 -16.84 -28.18 17.41
CA GLY B 17 -15.44 -28.50 17.65
C GLY B 17 -14.47 -27.42 17.23
N GLY B 18 -14.94 -26.26 16.79
CA GLY B 18 -14.04 -25.18 16.44
C GLY B 18 -14.33 -23.96 17.29
N ARG B 19 -14.02 -22.80 16.70
CA ARG B 19 -14.15 -21.46 17.28
C ARG B 19 -15.22 -20.73 16.49
N LEU B 20 -16.25 -20.25 17.20
CA LEU B 20 -17.43 -19.65 16.61
C LEU B 20 -17.50 -18.19 17.01
N GLY B 21 -17.84 -17.37 16.03
CA GLY B 21 -17.96 -15.93 16.21
C GLY B 21 -19.26 -15.37 15.62
N VAL B 22 -19.95 -14.58 16.44
CA VAL B 22 -21.25 -14.07 16.03
C VAL B 22 -21.34 -12.62 16.37
N ALA B 23 -21.86 -11.83 15.46
CA ALA B 23 -22.18 -10.45 15.81
C ALA B 23 -23.54 -10.14 15.22
N VAL B 24 -24.38 -9.48 16.01
CA VAL B 24 -25.67 -9.00 15.56
C VAL B 24 -25.73 -7.49 15.75
N LEU B 25 -26.31 -6.79 14.76
N LEU B 25 -26.33 -6.79 14.78
CA LEU B 25 -26.47 -5.34 14.83
CA LEU B 25 -26.47 -5.34 14.84
C LEU B 25 -27.88 -5.01 14.34
C LEU B 25 -27.87 -4.99 14.34
N ASP B 26 -28.76 -4.64 15.28
CA ASP B 26 -30.16 -4.33 14.97
C ASP B 26 -30.31 -2.81 14.75
N THR B 27 -30.64 -2.41 13.51
CA THR B 27 -30.66 -0.97 13.31
C THR B 27 -31.98 -0.35 13.78
N ALA B 28 -32.97 -1.13 14.19
CA ALA B 28 -34.15 -0.51 14.76
C ALA B 28 -33.77 0.29 16.00
N THR B 29 -32.91 -0.28 16.85
CA THR B 29 -32.57 0.23 18.16
C THR B 29 -31.11 0.48 18.34
N GLY B 30 -30.28 -0.06 17.46
CA GLY B 30 -28.87 0.01 17.69
C GLY B 30 -28.38 -1.07 18.62
N ARG B 31 -29.25 -1.98 19.04
N ARG B 31 -29.27 -1.96 19.06
CA ARG B 31 -28.84 -3.07 19.91
CA ARG B 31 -28.90 -3.04 19.96
C ARG B 31 -27.83 -4.00 19.23
C ARG B 31 -27.89 -3.98 19.31
N ARG B 32 -26.77 -4.33 19.96
N ARG B 32 -26.86 -4.33 20.06
CA ARG B 32 -25.73 -5.18 19.42
CA ARG B 32 -25.83 -5.20 19.54
C ARG B 32 -25.49 -6.34 20.37
C ARG B 32 -25.75 -6.45 20.40
N PHE B 33 -25.23 -7.53 19.80
CA PHE B 33 -24.90 -8.73 20.53
C PHE B 33 -23.64 -9.30 19.90
N GLY B 34 -22.74 -9.75 20.74
CA GLY B 34 -21.60 -10.48 20.21
C GLY B 34 -21.23 -11.71 21.01
N TYR B 35 -20.84 -12.78 20.31
CA TYR B 35 -20.16 -13.95 20.89
C TYR B 35 -18.82 -14.05 20.17
N ARG B 36 -17.72 -13.87 20.91
CA ARG B 36 -16.39 -13.64 20.27
C ARG B 36 -16.48 -12.58 19.16
N GLY B 37 -17.33 -11.56 19.35
CA GLY B 37 -17.49 -10.55 18.32
C GLY B 37 -16.22 -9.74 18.09
N ASP B 38 -15.27 -9.81 19.05
CA ASP B 38 -14.04 -9.00 19.09
C ASP B 38 -12.81 -9.77 18.61
N GLU B 39 -12.94 -11.02 18.20
CA GLU B 39 -11.80 -11.87 17.90
C GLU B 39 -11.68 -11.95 16.40
N ARG B 40 -10.46 -12.12 15.92
CA ARG B 40 -10.30 -12.20 14.48
C ARG B 40 -10.61 -13.57 13.98
N PHE B 41 -11.13 -13.61 12.74
CA PHE B 41 -11.41 -14.83 12.04
C PHE B 41 -11.03 -14.66 10.58
N PRO B 42 -10.70 -15.75 9.88
CA PRO B 42 -10.48 -15.70 8.40
C PRO B 42 -11.73 -15.30 7.65
N MET B 43 -11.59 -14.28 6.81
CA MET B 43 -12.75 -13.85 6.02
C MET B 43 -13.16 -14.89 4.97
N CYS B 44 -12.21 -15.47 4.28
CA CYS B 44 -12.50 -16.16 3.01
C CYS B 44 -13.42 -15.32 2.11
N SER B 45 -14.37 -15.93 1.36
CA SER B 45 -15.07 -15.09 0.39
C SER B 45 -15.95 -13.99 1.00
N THR B 46 -16.01 -13.83 2.37
CA THR B 46 -16.91 -12.78 2.79
C THR B 46 -16.31 -11.45 2.46
N PHE B 47 -14.99 -11.38 2.21
CA PHE B 47 -14.43 -10.09 1.86
C PHE B 47 -14.98 -9.55 0.54
N LYS B 48 -15.49 -10.42 -0.30
CA LYS B 48 -15.91 -9.95 -1.60
C LYS B 48 -17.05 -8.96 -1.51
N ALA B 49 -17.83 -9.02 -0.41
CA ALA B 49 -18.85 -8.01 -0.28
C ALA B 49 -18.19 -6.65 -0.23
N LEU B 50 -17.12 -6.56 0.53
CA LEU B 50 -16.37 -5.32 0.69
C LEU B 50 -15.62 -4.94 -0.60
N LEU B 51 -15.15 -5.92 -1.32
CA LEU B 51 -14.48 -5.70 -2.61
C LEU B 51 -15.44 -5.03 -3.57
N ALA B 52 -16.68 -5.53 -3.65
CA ALA B 52 -17.67 -4.90 -4.52
C ALA B 52 -17.94 -3.46 -4.10
N ALA B 53 -18.02 -3.22 -2.76
CA ALA B 53 -18.25 -1.87 -2.28
C ALA B 53 -17.14 -0.93 -2.72
N ALA B 54 -15.88 -1.37 -2.58
CA ALA B 54 -14.75 -0.52 -3.02
C ALA B 54 -14.84 -0.13 -4.49
N VAL B 55 -15.11 -1.11 -5.34
CA VAL B 55 -15.32 -0.84 -6.76
C VAL B 55 -16.43 0.17 -6.97
N LEU B 56 -17.63 -0.06 -6.35
CA LEU B 56 -18.73 0.87 -6.53
C LEU B 56 -18.35 2.26 -6.09
N ALA B 57 -17.61 2.41 -4.97
CA ALA B 57 -17.20 3.74 -4.55
C ALA B 57 -16.38 4.42 -5.66
N ARG B 58 -15.55 3.65 -6.36
CA ARG B 58 -14.76 4.27 -7.46
C ARG B 58 -15.67 4.60 -8.65
N VAL B 59 -16.70 3.80 -8.87
CA VAL B 59 -17.72 4.19 -9.84
C VAL B 59 -18.34 5.52 -9.43
N ASP B 60 -18.79 5.62 -8.15
CA ASP B 60 -19.32 6.89 -7.64
C ASP B 60 -18.39 8.06 -7.95
N GLN B 61 -17.10 7.87 -7.72
CA GLN B 61 -16.06 8.88 -7.92
C GLN B 61 -15.76 9.18 -9.38
N GLY B 62 -16.35 8.44 -10.34
CA GLY B 62 -15.97 8.60 -11.74
C GLY B 62 -14.63 8.03 -12.12
N LYS B 63 -14.03 7.18 -11.31
CA LYS B 63 -12.75 6.58 -11.67
C LYS B 63 -12.90 5.16 -12.21
N GLU B 64 -14.09 4.61 -12.15
CA GLU B 64 -14.36 3.25 -12.60
C GLU B 64 -15.69 3.29 -13.32
N ASN B 65 -15.90 2.33 -14.21
CA ASN B 65 -17.14 2.25 -14.99
C ASN B 65 -17.66 0.83 -14.92
N LEU B 66 -18.95 0.63 -14.53
CA LEU B 66 -19.46 -0.72 -14.40
C LEU B 66 -19.51 -1.44 -15.74
N ASP B 67 -19.59 -0.71 -16.84
N ASP B 67 -19.62 -0.70 -16.85
CA ASP B 67 -19.64 -1.39 -18.11
CA ASP B 67 -19.63 -1.35 -18.15
C ASP B 67 -18.25 -1.64 -18.71
C ASP B 67 -18.24 -1.47 -18.76
N ARG B 68 -17.18 -1.29 -17.99
CA ARG B 68 -15.82 -1.42 -18.55
C ARG B 68 -15.48 -2.90 -18.66
N ARG B 69 -15.12 -3.33 -19.87
CA ARG B 69 -14.89 -4.75 -20.11
C ARG B 69 -13.47 -5.17 -19.76
N ILE B 70 -13.33 -6.33 -19.15
CA ILE B 70 -12.03 -6.81 -18.70
C ILE B 70 -11.77 -8.16 -19.36
N THR B 71 -10.63 -8.29 -20.05
CA THR B 71 -10.34 -9.59 -20.66
C THR B 71 -9.21 -10.26 -19.91
N TYR B 72 -9.09 -11.58 -20.10
CA TYR B 72 -8.19 -12.44 -19.36
C TYR B 72 -8.13 -13.75 -20.11
N GLY B 73 -7.22 -14.64 -19.69
CA GLY B 73 -6.99 -15.88 -20.39
C GLY B 73 -7.14 -17.07 -19.44
N LYS B 74 -7.17 -18.26 -20.03
N LYS B 74 -7.13 -18.26 -20.04
CA LYS B 74 -7.31 -19.47 -19.23
CA LYS B 74 -7.32 -19.50 -19.30
C LYS B 74 -6.19 -19.62 -18.21
C LYS B 74 -6.36 -19.60 -18.13
N GLU B 75 -5.04 -18.98 -18.45
N GLU B 75 -5.11 -19.17 -18.32
CA GLU B 75 -3.95 -19.04 -17.49
CA GLU B 75 -4.12 -19.31 -17.27
C GLU B 75 -4.30 -18.33 -16.20
C GLU B 75 -4.35 -18.37 -16.11
N ASP B 76 -5.21 -17.35 -16.27
CA ASP B 76 -5.54 -16.51 -15.13
C ASP B 76 -6.63 -17.12 -14.26
N LEU B 77 -7.28 -18.19 -14.71
CA LEU B 77 -8.34 -18.81 -13.90
C LEU B 77 -7.75 -19.48 -12.66
N VAL B 78 -8.39 -19.25 -11.51
CA VAL B 78 -8.11 -20.03 -10.31
C VAL B 78 -9.34 -20.91 -10.03
N ASP B 79 -9.23 -21.78 -9.03
N ASP B 79 -9.22 -21.81 -9.05
CA ASP B 79 -10.33 -22.67 -8.66
CA ASP B 79 -10.33 -22.71 -8.78
C ASP B 79 -11.60 -21.88 -8.36
C ASP B 79 -11.54 -21.95 -8.21
N TYR B 80 -12.71 -22.59 -8.28
CA TYR B 80 -14.01 -22.02 -7.88
C TYR B 80 -14.35 -20.75 -8.66
N SER B 81 -14.41 -20.89 -9.98
CA SER B 81 -14.66 -19.77 -10.90
C SER B 81 -15.72 -20.16 -11.92
N PRO B 82 -16.95 -20.43 -11.47
CA PRO B 82 -17.93 -21.01 -12.37
C PRO B 82 -18.44 -20.03 -13.41
N VAL B 83 -18.31 -18.72 -13.19
CA VAL B 83 -18.72 -17.73 -14.17
C VAL B 83 -17.55 -17.27 -15.01
N THR B 84 -16.45 -16.99 -14.40
CA THR B 84 -15.32 -16.49 -15.24
C THR B 84 -14.75 -17.55 -16.15
N GLU B 85 -14.90 -18.84 -15.80
CA GLU B 85 -14.37 -19.86 -16.71
C GLU B 85 -15.18 -19.94 -17.99
N LYS B 86 -16.35 -19.36 -18.04
CA LYS B 86 -17.15 -19.38 -19.26
C LYS B 86 -16.89 -18.19 -20.15
N HIS B 87 -16.03 -17.27 -19.75
CA HIS B 87 -15.90 -16.06 -20.55
C HIS B 87 -14.48 -15.72 -20.87
N VAL B 88 -13.60 -16.74 -20.92
CA VAL B 88 -12.24 -16.52 -21.41
C VAL B 88 -12.25 -15.85 -22.77
N GLY B 89 -13.24 -16.16 -23.61
CA GLY B 89 -13.21 -15.68 -24.98
C GLY B 89 -13.61 -14.23 -25.10
N ASP B 90 -14.72 -13.82 -24.45
CA ASP B 90 -15.24 -12.49 -24.67
C ASP B 90 -15.00 -11.56 -23.48
N GLY B 91 -14.48 -12.06 -22.37
CA GLY B 91 -14.31 -11.21 -21.21
C GLY B 91 -15.63 -10.89 -20.49
N MET B 92 -15.50 -10.03 -19.45
CA MET B 92 -16.63 -9.65 -18.58
C MET B 92 -16.51 -8.19 -18.21
N THR B 93 -17.65 -7.55 -17.95
CA THR B 93 -17.64 -6.18 -17.46
C THR B 93 -17.43 -6.17 -15.96
N VAL B 94 -16.97 -5.01 -15.46
CA VAL B 94 -16.83 -4.75 -14.03
C VAL B 94 -18.10 -5.20 -13.32
N ALA B 95 -19.26 -4.77 -13.81
CA ALA B 95 -20.49 -5.15 -13.12
C ALA B 95 -20.68 -6.65 -13.12
N GLU B 96 -20.50 -7.32 -14.28
CA GLU B 96 -20.70 -8.77 -14.30
C GLU B 96 -19.74 -9.50 -13.35
N LEU B 97 -18.52 -9.05 -13.29
CA LEU B 97 -17.59 -9.65 -12.34
C LEU B 97 -18.02 -9.46 -10.89
N CYS B 98 -18.48 -8.25 -10.53
CA CYS B 98 -18.93 -8.06 -9.13
C CYS B 98 -20.11 -9.00 -8.83
N GLU B 99 -20.99 -9.18 -9.83
CA GLU B 99 -22.17 -10.04 -9.68
C GLU B 99 -21.78 -11.51 -9.51
N ALA B 100 -20.72 -11.93 -10.26
CA ALA B 100 -20.22 -13.29 -10.16
C ALA B 100 -19.51 -13.48 -8.84
N ALA B 101 -18.74 -12.48 -8.46
CA ALA B 101 -17.99 -12.51 -7.21
C ALA B 101 -18.91 -12.64 -6.00
N ILE B 102 -20.00 -11.87 -6.00
CA ILE B 102 -20.99 -11.89 -4.91
C ILE B 102 -21.82 -13.13 -4.98
N THR B 103 -22.47 -13.36 -6.13
CA THR B 103 -23.62 -14.27 -6.07
C THR B 103 -23.21 -15.72 -6.33
N TYR B 104 -22.01 -15.93 -6.93
CA TYR B 104 -21.52 -17.28 -7.17
C TYR B 104 -20.21 -17.52 -6.47
N SER B 105 -19.75 -16.54 -5.69
CA SER B 105 -18.48 -16.58 -5.06
C SER B 105 -17.33 -16.86 -6.04
N ASP B 106 -17.43 -16.35 -7.24
CA ASP B 106 -16.39 -16.65 -8.24
C ASP B 106 -15.04 -16.07 -7.79
N ASN B 107 -14.00 -16.92 -7.70
CA ASN B 107 -12.69 -16.51 -7.20
C ASN B 107 -11.87 -15.71 -8.25
N THR B 108 -11.93 -16.08 -9.52
CA THR B 108 -11.17 -15.31 -10.51
C THR B 108 -11.79 -13.93 -10.66
N ALA B 109 -13.10 -13.83 -10.54
CA ALA B 109 -13.73 -12.52 -10.65
C ALA B 109 -13.19 -11.61 -9.54
N ALA B 110 -12.96 -12.21 -8.37
CA ALA B 110 -12.46 -11.41 -7.25
C ALA B 110 -11.04 -10.92 -7.54
N ASN B 111 -10.19 -11.78 -8.10
CA ASN B 111 -8.82 -11.32 -8.42
C ASN B 111 -8.84 -10.21 -9.44
N LEU B 112 -9.64 -10.39 -10.51
CA LEU B 112 -9.70 -9.35 -11.53
C LEU B 112 -10.15 -8.05 -10.91
N LEU B 113 -11.13 -8.12 -9.99
CA LEU B 113 -11.60 -6.90 -9.33
C LEU B 113 -10.55 -6.34 -8.38
N LEU B 114 -9.83 -7.21 -7.66
CA LEU B 114 -8.73 -6.69 -6.84
C LEU B 114 -7.72 -5.95 -7.74
N GLU B 115 -7.50 -6.47 -8.94
CA GLU B 115 -6.52 -5.80 -9.79
C GLU B 115 -7.04 -4.41 -10.20
N ALA B 116 -8.35 -4.32 -10.45
CA ALA B 116 -8.98 -3.04 -10.76
C ALA B 116 -8.82 -2.03 -9.63
N LEU B 117 -8.73 -2.49 -8.37
CA LEU B 117 -8.43 -1.56 -7.27
C LEU B 117 -6.94 -1.28 -7.11
N GLY B 118 -6.08 -2.19 -7.58
CA GLY B 118 -4.64 -2.11 -7.35
C GLY B 118 -4.16 -3.06 -6.25
N GLY B 119 -5.00 -3.95 -5.78
CA GLY B 119 -4.51 -5.07 -4.99
C GLY B 119 -5.13 -5.12 -3.55
N PRO B 120 -4.84 -6.19 -2.79
CA PRO B 120 -5.35 -6.29 -1.39
C PRO B 120 -5.13 -5.03 -0.57
N ALA B 121 -3.97 -4.39 -0.73
CA ALA B 121 -3.65 -3.24 0.13
C ALA B 121 -4.55 -2.09 -0.20
N ALA B 122 -5.05 -2.02 -1.46
CA ALA B 122 -5.99 -0.98 -1.81
C ALA B 122 -7.37 -1.30 -1.23
N LEU B 123 -7.71 -2.56 -1.11
CA LEU B 123 -9.01 -2.80 -0.44
C LEU B 123 -8.89 -2.44 1.04
N THR B 124 -7.77 -2.80 1.66
CA THR B 124 -7.58 -2.46 3.05
C THR B 124 -7.68 -0.95 3.21
N ALA B 125 -6.97 -0.18 2.36
CA ALA B 125 -7.04 1.27 2.44
C ALA B 125 -8.46 1.80 2.30
N PHE B 126 -9.24 1.29 1.35
CA PHE B 126 -10.66 1.62 1.31
C PHE B 126 -11.33 1.42 2.67
N LEU B 127 -11.09 0.27 3.31
CA LEU B 127 -11.77 0.01 4.59
C LEU B 127 -11.32 1.00 5.64
N ARG B 128 -10.02 1.32 5.69
CA ARG B 128 -9.52 2.33 6.64
C ARG B 128 -10.14 3.69 6.35
N SER B 129 -10.49 3.95 5.06
CA SER B 129 -10.99 5.29 4.72
C SER B 129 -12.44 5.42 5.15
N ILE B 130 -13.13 4.32 5.42
CA ILE B 130 -14.48 4.46 5.98
C ILE B 130 -14.52 4.15 7.48
N GLY B 131 -13.36 4.07 8.12
CA GLY B 131 -13.28 3.94 9.59
C GLY B 131 -13.33 2.53 10.10
N ASP B 132 -13.19 1.51 9.21
CA ASP B 132 -13.03 0.13 9.63
C ASP B 132 -11.54 -0.06 9.85
N ASN B 133 -11.10 -0.13 11.11
CA ASN B 133 -9.68 -0.17 11.47
C ASN B 133 -9.23 -1.60 11.80
N VAL B 134 -10.03 -2.58 11.43
CA VAL B 134 -9.88 -3.95 11.90
C VAL B 134 -9.69 -4.90 10.71
N THR B 135 -10.59 -4.88 9.81
CA THR B 135 -10.54 -5.82 8.68
C THR B 135 -9.27 -5.55 7.83
N ARG B 136 -8.68 -6.62 7.31
CA ARG B 136 -7.49 -6.46 6.50
C ARG B 136 -7.48 -7.55 5.43
N LEU B 137 -7.12 -7.20 4.19
CA LEU B 137 -6.92 -8.20 3.14
C LEU B 137 -5.44 -8.04 2.77
N ASP B 138 -4.73 -9.16 2.77
CA ASP B 138 -3.31 -9.25 2.50
C ASP B 138 -2.99 -9.97 1.21
N ARG B 139 -3.79 -10.95 0.86
CA ARG B 139 -3.39 -11.90 -0.20
C ARG B 139 -4.45 -11.94 -1.26
N TRP B 140 -4.13 -12.64 -2.38
CA TRP B 140 -5.04 -12.87 -3.50
C TRP B 140 -5.72 -14.25 -3.39
N GLU B 141 -6.59 -14.54 -4.35
CA GLU B 141 -7.17 -15.88 -4.44
C GLU B 141 -6.20 -16.79 -5.17
N PRO B 142 -6.03 -18.08 -4.74
CA PRO B 142 -6.76 -18.73 -3.64
C PRO B 142 -6.09 -18.61 -2.24
N GLU B 143 -4.91 -18.00 -2.17
CA GLU B 143 -4.11 -18.08 -0.93
C GLU B 143 -4.82 -17.44 0.27
N LEU B 144 -5.69 -16.44 0.04
CA LEU B 144 -6.30 -15.76 1.18
C LEU B 144 -7.25 -16.69 1.93
N ASN B 145 -7.52 -17.89 1.43
CA ASN B 145 -8.39 -18.81 2.16
C ASN B 145 -7.63 -19.82 3.02
N THR B 146 -6.31 -19.70 3.19
CA THR B 146 -5.59 -20.75 3.94
C THR B 146 -6.08 -20.89 5.37
N ALA B 147 -6.54 -19.78 5.98
CA ALA B 147 -7.26 -19.82 7.27
C ALA B 147 -6.45 -20.48 8.38
N ALA B 148 -5.16 -20.24 8.42
CA ALA B 148 -4.30 -20.89 9.40
C ALA B 148 -4.51 -20.28 10.80
N PRO B 149 -4.66 -21.11 11.84
CA PRO B 149 -4.83 -20.55 13.21
C PRO B 149 -3.69 -19.61 13.57
N GLY B 150 -4.03 -18.47 14.19
CA GLY B 150 -3.06 -17.48 14.64
C GLY B 150 -2.51 -16.56 13.56
N ASP B 151 -2.91 -16.73 12.32
CA ASP B 151 -2.45 -15.85 11.25
C ASP B 151 -3.43 -14.69 11.09
N PRO B 152 -3.04 -13.43 11.30
CA PRO B 152 -4.02 -12.33 11.14
C PRO B 152 -4.30 -11.88 9.70
N ARG B 153 -3.57 -12.39 8.71
CA ARG B 153 -3.81 -11.96 7.32
C ARG B 153 -5.24 -12.30 6.93
N ASP B 154 -5.86 -11.45 6.12
CA ASP B 154 -7.13 -11.77 5.47
C ASP B 154 -8.22 -12.05 6.52
N THR B 155 -8.19 -11.28 7.62
CA THR B 155 -9.14 -11.55 8.70
C THR B 155 -10.05 -10.35 8.95
N THR B 156 -11.21 -10.62 9.59
CA THR B 156 -11.99 -9.54 10.19
C THR B 156 -12.42 -10.01 11.62
N THR B 157 -13.22 -9.14 12.31
CA THR B 157 -13.97 -9.67 13.47
C THR B 157 -15.44 -9.64 13.15
N PRO B 158 -16.25 -10.51 13.78
CA PRO B 158 -17.68 -10.44 13.53
C PRO B 158 -18.20 -9.05 13.77
N ALA B 159 -17.84 -8.40 14.89
CA ALA B 159 -18.39 -7.09 15.10
C ALA B 159 -18.00 -6.10 14.02
N ALA B 160 -16.73 -6.08 13.61
CA ALA B 160 -16.32 -5.08 12.62
C ALA B 160 -17.02 -5.33 11.26
N MET B 161 -17.14 -6.56 10.88
CA MET B 161 -17.79 -6.81 9.59
C MET B 161 -19.26 -6.41 9.65
N ALA B 162 -19.96 -6.73 10.77
CA ALA B 162 -21.36 -6.32 10.83
C ALA B 162 -21.46 -4.80 10.73
N ALA B 163 -20.57 -4.09 11.40
CA ALA B 163 -20.67 -2.63 11.43
C ALA B 163 -20.28 -2.02 10.07
N THR B 164 -19.26 -2.57 9.43
CA THR B 164 -18.86 -2.11 8.10
C THR B 164 -19.93 -2.39 7.09
N LEU B 165 -20.54 -3.57 7.15
CA LEU B 165 -21.67 -3.87 6.26
C LEU B 165 -22.82 -2.89 6.47
N ARG B 166 -23.14 -2.58 7.74
N ARG B 166 -23.13 -2.57 7.74
CA ARG B 166 -24.18 -1.59 7.98
CA ARG B 166 -24.18 -1.59 8.00
C ARG B 166 -23.82 -0.24 7.36
C ARG B 166 -23.82 -0.23 7.38
N THR B 167 -22.58 0.22 7.58
CA THR B 167 -22.15 1.51 7.03
C THR B 167 -22.22 1.52 5.51
N LEU B 168 -21.80 0.42 4.89
CA LEU B 168 -21.84 0.36 3.42
C LEU B 168 -23.24 0.43 2.87
N LEU B 169 -24.16 -0.36 3.42
CA LEU B 169 -25.50 -0.46 2.84
C LEU B 169 -26.40 0.68 3.28
N LEU B 170 -26.18 1.27 4.47
CA LEU B 170 -27.09 2.30 4.93
C LEU B 170 -26.46 3.64 5.20
N GLY B 171 -25.14 3.74 5.25
CA GLY B 171 -24.51 5.03 5.45
C GLY B 171 -24.34 5.76 4.14
N ASP B 172 -23.50 6.79 4.17
N ASP B 172 -23.52 6.80 4.19
CA ASP B 172 -23.30 7.63 3.01
CA ASP B 172 -23.31 7.65 3.02
C ASP B 172 -21.91 7.45 2.43
C ASP B 172 -21.95 7.42 2.37
N VAL B 173 -21.31 6.28 2.65
CA VAL B 173 -20.07 5.93 1.95
C VAL B 173 -20.35 5.79 0.46
N LEU B 174 -21.42 5.09 0.10
CA LEU B 174 -21.78 4.88 -1.30
C LEU B 174 -22.94 5.76 -1.72
N SER B 175 -23.03 6.05 -3.05
CA SER B 175 -24.15 6.77 -3.57
C SER B 175 -25.41 5.94 -3.30
N PRO B 176 -26.60 6.54 -3.32
CA PRO B 176 -27.80 5.69 -3.16
C PRO B 176 -27.90 4.62 -4.24
N ALA B 177 -27.54 4.96 -5.50
CA ALA B 177 -27.60 3.95 -6.57
C ALA B 177 -26.64 2.80 -6.27
N SER B 178 -25.45 3.12 -5.78
CA SER B 178 -24.50 2.06 -5.48
C SER B 178 -24.94 1.25 -4.27
N ARG B 179 -25.41 1.93 -3.22
CA ARG B 179 -26.03 1.17 -2.13
C ARG B 179 -27.01 0.16 -2.66
N GLN B 180 -27.97 0.61 -3.47
CA GLN B 180 -29.00 -0.33 -3.91
C GLN B 180 -28.40 -1.47 -4.75
N GLN B 181 -27.34 -1.17 -5.51
CA GLN B 181 -26.72 -2.19 -6.33
C GLN B 181 -26.08 -3.26 -5.46
N LEU B 182 -25.43 -2.86 -4.37
CA LEU B 182 -24.78 -3.84 -3.49
C LEU B 182 -25.85 -4.69 -2.79
N VAL B 183 -26.91 -4.03 -2.34
CA VAL B 183 -28.06 -4.76 -1.77
C VAL B 183 -28.55 -5.82 -2.75
N ASP B 184 -28.85 -5.38 -3.98
CA ASP B 184 -29.44 -6.26 -4.97
C ASP B 184 -28.56 -7.45 -5.23
N TRP B 185 -27.24 -7.23 -5.37
CA TRP B 185 -26.33 -8.36 -5.48
C TRP B 185 -26.42 -9.33 -4.29
N LEU B 186 -26.37 -8.82 -3.03
CA LEU B 186 -26.40 -9.75 -1.90
C LEU B 186 -27.74 -10.44 -1.77
N ILE B 187 -28.82 -9.74 -2.13
CA ILE B 187 -30.10 -10.42 -2.08
C ILE B 187 -30.15 -11.51 -3.14
N ALA B 188 -29.34 -11.35 -4.20
CA ALA B 188 -29.40 -12.29 -5.34
C ALA B 188 -28.42 -13.46 -5.14
N ASN B 189 -27.82 -13.59 -3.95
CA ASN B 189 -26.79 -14.59 -3.71
C ASN B 189 -27.30 -16.01 -3.92
N LYS B 190 -26.49 -16.83 -4.57
CA LYS B 190 -26.91 -18.20 -4.82
C LYS B 190 -26.20 -19.21 -3.95
N THR B 191 -25.20 -18.82 -3.16
CA THR B 191 -24.38 -19.82 -2.45
C THR B 191 -24.73 -20.02 -0.97
N GLY B 192 -25.81 -19.39 -0.50
CA GLY B 192 -26.02 -19.30 0.96
C GLY B 192 -27.28 -20.03 1.41
N ASP B 193 -27.82 -20.95 0.59
CA ASP B 193 -29.13 -21.54 0.98
C ASP B 193 -29.06 -22.49 2.17
N LYS B 194 -27.89 -23.07 2.49
N LYS B 194 -27.88 -23.03 2.50
CA LYS B 194 -27.82 -23.98 3.63
CA LYS B 194 -27.75 -23.98 3.59
C LYS B 194 -27.29 -23.34 4.90
C LYS B 194 -27.22 -23.35 4.86
N ARG B 195 -27.01 -22.04 4.86
CA ARG B 195 -26.40 -21.32 5.97
C ARG B 195 -27.40 -20.39 6.64
N LEU B 196 -27.19 -19.06 6.72
CA LEU B 196 -28.14 -18.28 7.54
C LEU B 196 -29.55 -18.35 6.97
N ARG B 197 -29.69 -18.34 5.60
CA ARG B 197 -31.02 -18.34 5.04
C ARG B 197 -31.83 -19.52 5.54
N ALA B 198 -31.15 -20.63 5.78
CA ALA B 198 -31.84 -21.85 6.16
C ALA B 198 -32.57 -21.70 7.50
N GLY B 199 -31.94 -20.99 8.43
CA GLY B 199 -32.45 -20.85 9.77
C GLY B 199 -33.42 -19.69 9.97
N LEU B 200 -33.44 -18.68 9.04
CA LEU B 200 -34.31 -17.51 9.17
C LEU B 200 -35.75 -17.80 8.74
N PRO B 201 -36.70 -17.16 9.42
CA PRO B 201 -38.12 -17.29 9.01
C PRO B 201 -38.23 -17.00 7.52
N ALA B 202 -39.09 -17.75 6.88
CA ALA B 202 -39.22 -17.62 5.43
C ALA B 202 -39.63 -16.22 5.02
N ASP B 203 -40.41 -15.48 5.85
CA ASP B 203 -40.82 -14.17 5.38
C ASP B 203 -39.75 -13.10 5.54
N ASP B 204 -38.58 -13.43 6.02
CA ASP B 204 -37.51 -12.44 6.05
C ASP B 204 -36.95 -12.21 4.65
N ARG B 205 -36.63 -10.95 4.33
N ARG B 205 -36.65 -10.95 4.34
CA ARG B 205 -35.92 -10.64 3.09
CA ARG B 205 -35.89 -10.61 3.14
C ARG B 205 -34.45 -10.56 3.44
C ARG B 205 -34.42 -10.65 3.52
N VAL B 206 -33.60 -11.29 2.69
CA VAL B 206 -32.20 -11.55 3.08
C VAL B 206 -31.20 -11.28 1.95
N GLY B 207 -30.10 -10.64 2.30
CA GLY B 207 -28.93 -10.57 1.42
C GLY B 207 -27.78 -11.18 2.21
N ASP B 208 -26.97 -12.04 1.56
CA ASP B 208 -25.80 -12.58 2.26
C ASP B 208 -24.59 -12.75 1.34
N LYS B 209 -23.46 -12.98 1.95
CA LYS B 209 -22.24 -13.39 1.23
C LYS B 209 -21.59 -14.46 2.09
N THR B 210 -21.34 -15.66 1.53
CA THR B 210 -20.68 -16.75 2.25
C THR B 210 -19.18 -16.63 2.15
N GLY B 211 -18.50 -17.44 2.97
CA GLY B 211 -17.08 -17.73 2.81
C GLY B 211 -16.83 -19.15 3.29
N THR B 212 -15.78 -19.78 2.75
CA THR B 212 -15.46 -21.18 3.03
C THR B 212 -13.95 -21.36 2.88
N GLY B 213 -13.28 -21.93 3.86
CA GLY B 213 -11.85 -22.09 3.65
C GLY B 213 -11.30 -23.34 4.28
N GLU B 214 -9.99 -23.49 4.32
N GLU B 214 -9.97 -23.47 4.29
CA GLU B 214 -9.37 -24.64 4.96
CA GLU B 214 -9.23 -24.53 4.98
C GLU B 214 -9.52 -24.55 6.48
C GLU B 214 -9.60 -24.60 6.46
N HIS B 215 -9.07 -25.59 7.18
CA HIS B 215 -9.23 -25.64 8.65
C HIS B 215 -10.70 -25.54 9.05
N GLY B 216 -11.58 -26.08 8.24
CA GLY B 216 -12.96 -26.23 8.66
C GLY B 216 -13.58 -24.88 8.89
N THR B 217 -13.43 -23.99 7.90
CA THR B 217 -13.83 -22.60 8.02
C THR B 217 -15.09 -22.41 7.21
N THR B 218 -16.09 -21.80 7.81
CA THR B 218 -17.43 -21.78 7.25
C THR B 218 -18.05 -20.50 7.79
N ASN B 219 -18.33 -19.56 6.89
CA ASN B 219 -18.78 -18.22 7.26
C ASN B 219 -20.00 -17.79 6.49
N ASP B 220 -20.68 -16.78 7.04
CA ASP B 220 -21.80 -16.16 6.32
C ASP B 220 -22.07 -14.82 6.97
N ILE B 221 -22.24 -13.79 6.16
CA ILE B 221 -22.66 -12.47 6.64
C ILE B 221 -23.93 -12.08 5.92
N ALA B 222 -24.87 -11.45 6.64
CA ALA B 222 -26.19 -11.18 6.05
C ALA B 222 -26.73 -9.81 6.49
N VAL B 223 -27.52 -9.23 5.62
CA VAL B 223 -28.44 -8.18 5.98
C VAL B 223 -29.82 -8.83 5.96
N VAL B 224 -30.63 -8.55 6.97
CA VAL B 224 -31.94 -9.23 7.09
C VAL B 224 -33.01 -8.21 7.41
N TRP B 225 -34.06 -8.19 6.59
CA TRP B 225 -35.24 -7.32 6.78
C TRP B 225 -36.40 -8.18 7.22
N PRO B 226 -36.70 -8.32 8.51
CA PRO B 226 -37.98 -9.00 8.92
C PRO B 226 -39.17 -8.17 8.47
N PRO B 227 -40.36 -8.72 8.46
CA PRO B 227 -41.51 -7.95 7.98
C PRO B 227 -41.68 -6.63 8.71
N ASN B 228 -41.88 -5.55 7.95
CA ASN B 228 -42.22 -4.21 8.51
C ASN B 228 -41.21 -3.79 9.57
N ARG B 229 -39.96 -4.25 9.47
N ARG B 229 -39.96 -4.25 9.44
CA ARG B 229 -38.98 -3.94 10.50
CA ARG B 229 -38.95 -3.99 10.46
C ARG B 229 -37.69 -3.44 9.83
C ARG B 229 -37.70 -3.40 9.80
N ALA B 230 -36.94 -2.67 10.60
CA ALA B 230 -35.64 -2.16 10.14
C ALA B 230 -34.62 -3.28 9.99
N PRO B 231 -33.56 -3.09 9.19
CA PRO B 231 -32.64 -4.19 8.92
C PRO B 231 -31.78 -4.55 10.13
N ILE B 232 -31.46 -5.83 10.19
CA ILE B 232 -30.56 -6.43 11.16
C ILE B 232 -29.39 -7.04 10.39
N PHE B 233 -28.17 -6.82 10.90
CA PHE B 233 -26.94 -7.35 10.31
C PHE B 233 -26.38 -8.48 11.20
N LEU B 234 -25.98 -9.58 10.56
CA LEU B 234 -25.65 -10.81 11.25
C LEU B 234 -24.36 -11.33 10.63
N ALA B 235 -23.29 -11.37 11.40
CA ALA B 235 -22.03 -11.85 10.87
C ALA B 235 -21.62 -13.10 11.65
N VAL B 236 -21.47 -14.21 10.93
CA VAL B 236 -21.20 -15.48 11.58
C VAL B 236 -19.99 -16.15 10.95
N TYR B 237 -18.96 -16.36 11.78
CA TYR B 237 -17.72 -17.00 11.41
C TYR B 237 -17.48 -18.26 12.25
N LEU B 238 -17.12 -19.35 11.56
CA LEU B 238 -16.78 -20.63 12.19
C LEU B 238 -15.46 -21.10 11.60
N THR B 239 -14.47 -21.38 12.45
CA THR B 239 -13.19 -21.88 11.93
C THR B 239 -12.61 -22.91 12.89
N GLU B 240 -11.64 -23.70 12.39
CA GLU B 240 -11.03 -24.85 13.09
C GLU B 240 -12.07 -25.87 13.54
N SER B 241 -13.17 -25.97 12.80
CA SER B 241 -14.23 -26.90 13.13
C SER B 241 -13.82 -28.31 12.71
N GLN B 242 -14.24 -29.30 13.51
N GLN B 242 -14.25 -29.29 13.55
CA GLN B 242 -13.88 -30.70 13.29
CA GLN B 242 -13.94 -30.72 13.48
C GLN B 242 -15.02 -31.51 12.69
C GLN B 242 -15.04 -31.51 12.77
N VAL B 243 -16.12 -30.87 12.32
CA VAL B 243 -17.24 -31.58 11.78
C VAL B 243 -17.26 -31.35 10.26
N ASP B 244 -18.02 -32.19 9.56
CA ASP B 244 -17.92 -32.17 8.12
C ASP B 244 -18.70 -31.00 7.52
N ALA B 245 -18.70 -30.92 6.18
CA ALA B 245 -19.08 -29.64 5.59
C ALA B 245 -20.58 -29.36 5.74
N ASP B 246 -21.42 -30.40 5.60
CA ASP B 246 -22.85 -30.24 5.80
C ASP B 246 -23.17 -29.88 7.24
N ALA B 247 -22.37 -30.40 8.19
CA ALA B 247 -22.59 -30.13 9.61
C ALA B 247 -22.17 -28.74 9.98
N ARG B 248 -21.07 -28.26 9.38
CA ARG B 248 -20.69 -26.84 9.54
C ARG B 248 -21.75 -25.88 9.01
N ASP B 249 -22.26 -26.14 7.81
CA ASP B 249 -23.37 -25.35 7.31
C ASP B 249 -24.53 -25.35 8.31
N ALA B 250 -24.85 -26.52 8.88
CA ALA B 250 -25.95 -26.60 9.85
C ALA B 250 -25.63 -25.79 11.13
N VAL B 251 -24.36 -25.71 11.53
CA VAL B 251 -24.02 -24.82 12.64
C VAL B 251 -24.47 -23.38 12.31
N ILE B 252 -24.16 -22.90 11.11
CA ILE B 252 -24.56 -21.56 10.72
C ILE B 252 -26.08 -21.43 10.70
N ALA B 253 -26.76 -22.40 10.11
CA ALA B 253 -28.24 -22.35 10.16
C ALA B 253 -28.76 -22.27 11.61
N GLU B 254 -28.10 -22.97 12.54
CA GLU B 254 -28.57 -22.96 13.93
C GLU B 254 -28.30 -21.62 14.60
N VAL B 255 -27.18 -20.96 14.28
CA VAL B 255 -26.96 -19.60 14.79
C VAL B 255 -28.13 -18.69 14.42
N ALA B 256 -28.61 -18.77 13.17
CA ALA B 256 -29.72 -17.93 12.76
C ALA B 256 -30.99 -18.28 13.58
N ARG B 257 -31.24 -19.56 13.78
N ARG B 257 -31.24 -19.56 13.79
CA ARG B 257 -32.42 -19.96 14.60
CA ARG B 257 -32.41 -19.92 14.60
C ARG B 257 -32.30 -19.42 16.02
C ARG B 257 -32.29 -19.42 16.04
N LEU B 258 -31.10 -19.54 16.63
CA LEU B 258 -30.92 -19.10 18.03
C LEU B 258 -31.02 -17.57 18.15
N VAL B 259 -30.47 -16.85 17.18
CA VAL B 259 -30.50 -15.39 17.25
C VAL B 259 -31.94 -14.89 17.06
N VAL B 260 -32.65 -15.46 16.09
CA VAL B 260 -34.05 -15.13 15.87
C VAL B 260 -34.88 -15.42 17.13
N ALA B 261 -34.61 -16.55 17.78
CA ALA B 261 -35.41 -16.91 18.95
C ALA B 261 -35.10 -15.95 20.09
N ALA B 262 -33.84 -15.51 20.21
CA ALA B 262 -33.44 -14.59 21.28
C ALA B 262 -33.99 -13.19 21.07
N TRP B 263 -34.12 -12.76 19.80
CA TRP B 263 -34.64 -11.44 19.48
C TRP B 263 -36.15 -11.40 19.69
N LEU B 264 -36.78 -12.55 19.54
CA LEU B 264 -38.19 -12.67 19.90
C LEU B 264 -38.36 -12.38 21.38
N HIS B 265 -37.56 -13.07 22.21
CA HIS B 265 -37.55 -12.89 23.66
C HIS B 265 -37.22 -11.47 24.08
N HIS B 266 -36.56 -10.68 23.23
CA HIS B 266 -36.45 -9.23 23.47
C HIS B 266 -37.83 -8.62 23.56
N HIS B 267 -38.58 -8.75 22.47
CA HIS B 267 -39.82 -8.01 22.32
C HIS B 267 -40.93 -8.59 23.20
N HIS B 268 -40.96 -9.91 23.39
CA HIS B 268 -42.08 -10.55 24.06
C HIS B 268 -41.64 -11.43 25.23
N ALA C 3 -9.27 -4.40 -42.02
CA ALA C 3 -8.43 -5.34 -41.28
C ALA C 3 -7.08 -5.63 -41.98
N ALA C 4 -6.57 -4.70 -42.82
CA ALA C 4 -5.26 -4.94 -43.43
C ALA C 4 -4.13 -4.77 -42.41
N LEU C 5 -4.14 -3.69 -41.64
CA LEU C 5 -3.15 -3.56 -40.57
C LEU C 5 -3.15 -4.79 -39.68
N SER C 6 -4.33 -5.25 -39.25
CA SER C 6 -4.43 -6.42 -38.40
C SER C 6 -3.71 -7.64 -38.99
N GLU C 7 -3.92 -7.94 -40.27
N GLU C 7 -3.97 -7.93 -40.28
CA GLU C 7 -3.25 -9.13 -40.79
CA GLU C 7 -3.31 -9.06 -40.94
C GLU C 7 -1.76 -8.91 -41.06
C GLU C 7 -1.80 -8.88 -40.99
N GLN C 8 -1.34 -7.68 -41.34
CA GLN C 8 0.12 -7.48 -41.45
C GLN C 8 0.79 -7.65 -40.09
N LEU C 9 0.13 -7.16 -39.03
CA LEU C 9 0.68 -7.31 -37.69
C LEU C 9 0.71 -8.78 -37.29
N ALA C 10 -0.31 -9.55 -37.68
CA ALA C 10 -0.30 -10.97 -37.35
C ALA C 10 0.88 -11.68 -38.03
N GLU C 11 1.11 -11.38 -39.31
N GLU C 11 1.13 -11.38 -39.31
CA GLU C 11 2.26 -11.94 -40.01
CA GLU C 11 2.27 -12.01 -39.96
C GLU C 11 3.55 -11.56 -39.30
C GLU C 11 3.58 -11.57 -39.30
N LEU C 12 3.69 -10.28 -38.97
CA LEU C 12 4.89 -9.79 -38.29
C LEU C 12 5.08 -10.50 -36.96
N GLU C 13 3.99 -10.61 -36.18
CA GLU C 13 4.00 -11.37 -34.95
C GLU C 13 4.50 -12.80 -35.17
N LYS C 14 3.97 -13.47 -36.21
N LYS C 14 3.95 -13.48 -36.18
CA LYS C 14 4.40 -14.84 -36.47
CA LYS C 14 4.39 -14.83 -36.51
C LYS C 14 5.91 -14.91 -36.78
C LYS C 14 5.90 -14.89 -36.74
N ARG C 15 6.42 -13.94 -37.53
CA ARG C 15 7.86 -13.91 -37.81
C ARG C 15 8.67 -13.71 -36.53
N SER C 16 8.16 -12.90 -35.58
CA SER C 16 8.87 -12.62 -34.35
C SER C 16 8.97 -13.84 -33.45
N GLY C 17 8.06 -14.79 -33.61
CA GLY C 17 8.03 -15.95 -32.76
C GLY C 17 7.35 -15.72 -31.44
N GLY C 18 6.88 -14.51 -31.17
CA GLY C 18 6.39 -14.15 -29.84
C GLY C 18 4.97 -13.61 -29.86
N ARG C 19 4.63 -12.75 -28.92
CA ARG C 19 3.30 -12.15 -28.85
C ARG C 19 3.47 -10.64 -28.92
N LEU C 20 2.72 -10.00 -29.81
CA LEU C 20 2.91 -8.58 -30.12
C LEU C 20 1.63 -7.82 -29.83
N GLY C 21 1.73 -6.70 -29.10
CA GLY C 21 0.57 -5.88 -28.79
C GLY C 21 0.81 -4.46 -29.29
N VAL C 22 -0.22 -3.85 -29.84
CA VAL C 22 -0.09 -2.54 -30.47
C VAL C 22 -1.37 -1.77 -30.17
N ALA C 23 -1.23 -0.49 -29.80
CA ALA C 23 -2.34 0.42 -29.59
C ALA C 23 -1.95 1.75 -30.21
N VAL C 24 -2.90 2.37 -30.88
CA VAL C 24 -2.77 3.66 -31.53
C VAL C 24 -3.90 4.52 -31.02
N LEU C 25 -3.59 5.78 -30.72
CA LEU C 25 -4.61 6.69 -30.20
C LEU C 25 -4.33 8.02 -30.86
N ASP C 26 -5.18 8.41 -31.82
CA ASP C 26 -5.01 9.61 -32.63
C ASP C 26 -5.90 10.69 -32.05
N THR C 27 -5.32 11.72 -31.48
CA THR C 27 -6.16 12.70 -30.83
C THR C 27 -6.76 13.72 -31.78
N ALA C 28 -6.46 13.68 -33.08
CA ALA C 28 -7.20 14.56 -33.99
C ALA C 28 -8.66 14.14 -34.08
N THR C 29 -8.91 12.83 -33.98
CA THR C 29 -10.21 12.23 -34.25
C THR C 29 -10.74 11.38 -33.10
N GLY C 30 -9.89 10.97 -32.16
CA GLY C 30 -10.24 9.93 -31.25
C GLY C 30 -10.11 8.54 -31.83
N ARG C 31 -9.81 8.42 -33.12
N ARG C 31 -9.77 8.41 -33.11
CA ARG C 31 -9.69 7.11 -33.76
CA ARG C 31 -9.63 7.09 -33.70
C ARG C 31 -8.61 6.28 -33.07
C ARG C 31 -8.59 6.25 -32.97
N ARG C 32 -8.95 5.03 -32.77
N ARG C 32 -8.91 4.99 -32.74
CA ARG C 32 -8.03 4.09 -32.15
CA ARG C 32 -8.03 4.06 -32.05
C ARG C 32 -7.79 2.88 -33.06
C ARG C 32 -7.90 2.77 -32.86
N PHE C 33 -6.73 2.14 -32.75
CA PHE C 33 -6.49 0.85 -33.35
C PHE C 33 -5.83 -0.04 -32.29
N GLY C 34 -6.22 -1.30 -32.23
CA GLY C 34 -5.62 -2.25 -31.33
C GLY C 34 -5.30 -3.56 -32.00
N TYR C 35 -4.16 -4.14 -31.64
CA TYR C 35 -3.82 -5.53 -31.96
C TYR C 35 -3.38 -6.15 -30.65
N ARG C 36 -4.18 -7.06 -30.07
CA ARG C 36 -3.95 -7.47 -28.69
C ARG C 36 -3.86 -6.25 -27.78
N GLY C 37 -4.59 -5.18 -28.12
CA GLY C 37 -4.58 -3.97 -27.32
C GLY C 37 -5.08 -4.14 -25.90
N ASP C 38 -5.89 -5.17 -25.65
CA ASP C 38 -6.46 -5.37 -24.33
C ASP C 38 -5.90 -6.61 -23.61
N GLU C 39 -4.66 -6.98 -23.99
CA GLU C 39 -3.94 -8.13 -23.43
C GLU C 39 -2.80 -7.58 -22.60
N ARG C 40 -2.54 -8.22 -21.46
CA ARG C 40 -1.46 -7.76 -20.59
C ARG C 40 -0.08 -8.13 -21.16
N PHE C 41 0.87 -7.22 -20.99
CA PHE C 41 2.29 -7.33 -21.43
C PHE C 41 3.15 -6.81 -20.29
N PRO C 42 4.30 -7.42 -20.02
CA PRO C 42 5.24 -6.80 -19.07
C PRO C 42 5.69 -5.41 -19.55
N MET C 43 5.78 -4.45 -18.61
CA MET C 43 6.05 -3.10 -19.03
C MET C 43 7.55 -2.90 -19.19
N CYS C 44 8.33 -3.57 -18.32
CA CYS C 44 9.73 -3.27 -18.17
C CYS C 44 9.86 -1.77 -18.00
N SER C 45 10.94 -1.14 -18.56
CA SER C 45 11.12 0.28 -18.30
C SER C 45 10.06 1.22 -18.92
N THR C 46 9.08 0.77 -19.70
CA THR C 46 8.06 1.75 -20.07
C THR C 46 7.35 2.34 -18.83
N PHE C 47 7.38 1.63 -17.70
CA PHE C 47 6.70 2.15 -16.48
C PHE C 47 7.33 3.45 -16.06
N LYS C 48 8.58 3.71 -16.48
CA LYS C 48 9.24 4.86 -15.92
C LYS C 48 8.57 6.17 -16.36
N ALA C 49 7.95 6.19 -17.56
CA ALA C 49 7.18 7.38 -17.92
C ALA C 49 6.10 7.64 -16.88
N LEU C 50 5.48 6.57 -16.37
CA LEU C 50 4.42 6.77 -15.40
C LEU C 50 4.99 7.22 -14.05
N LEU C 51 6.16 6.67 -13.71
CA LEU C 51 6.86 7.04 -12.49
C LEU C 51 7.13 8.53 -12.46
N ALA C 52 7.69 9.06 -13.55
CA ALA C 52 7.99 10.48 -13.59
C ALA C 52 6.71 11.30 -13.48
N ALA C 53 5.64 10.90 -14.15
CA ALA C 53 4.36 11.60 -13.97
C ALA C 53 3.96 11.67 -12.48
N ALA C 54 4.05 10.53 -11.76
CA ALA C 54 3.65 10.47 -10.35
C ALA C 54 4.46 11.42 -9.49
N VAL C 55 5.77 11.49 -9.76
CA VAL C 55 6.64 12.40 -9.06
C VAL C 55 6.25 13.84 -9.37
N LEU C 56 5.99 14.14 -10.65
CA LEU C 56 5.59 15.49 -11.03
C LEU C 56 4.28 15.88 -10.37
N ALA C 57 3.36 14.91 -10.27
CA ALA C 57 2.11 15.19 -9.59
C ALA C 57 2.38 15.62 -8.16
N ARG C 58 3.31 14.95 -7.49
CA ARG C 58 3.64 15.33 -6.14
C ARG C 58 4.26 16.71 -6.10
N VAL C 59 5.14 17.03 -7.06
CA VAL C 59 5.63 18.39 -7.16
C VAL C 59 4.47 19.39 -7.35
N ASP C 60 3.56 19.14 -8.26
CA ASP C 60 2.42 20.06 -8.35
C ASP C 60 1.76 20.24 -6.97
N GLN C 61 1.66 19.17 -6.19
CA GLN C 61 0.96 19.24 -4.89
C GLN C 61 1.76 19.98 -3.82
N GLY C 62 3.02 20.34 -4.08
CA GLY C 62 3.87 20.83 -3.02
C GLY C 62 4.38 19.77 -2.08
N LYS C 63 4.24 18.49 -2.42
CA LYS C 63 4.75 17.44 -1.55
C LYS C 63 6.13 16.96 -1.96
N GLU C 64 6.70 17.54 -3.02
CA GLU C 64 7.96 17.09 -3.61
C GLU C 64 8.57 18.28 -4.31
N ASN C 65 9.90 18.23 -4.48
N ASN C 65 9.89 18.24 -4.49
CA ASN C 65 10.65 19.34 -5.07
CA ASN C 65 10.64 19.35 -5.05
C ASN C 65 11.65 18.79 -6.05
C ASN C 65 11.66 18.79 -6.04
N LEU C 66 11.61 19.28 -7.29
CA LEU C 66 12.55 18.81 -8.29
C LEU C 66 13.99 19.05 -7.88
N ASP C 67 14.26 20.04 -7.02
N ASP C 67 14.22 20.01 -6.99
CA ASP C 67 15.64 20.33 -6.64
CA ASP C 67 15.55 20.42 -6.57
C ASP C 67 16.11 19.52 -5.44
C ASP C 67 16.06 19.63 -5.38
N ARG C 68 15.23 18.78 -4.79
CA ARG C 68 15.67 18.02 -3.61
C ARG C 68 16.78 17.05 -4.01
N ARG C 69 17.86 16.99 -3.22
N ARG C 69 17.86 17.00 -3.23
CA ARG C 69 19.03 16.18 -3.56
CA ARG C 69 19.00 16.18 -3.57
C ARG C 69 18.99 14.85 -2.82
C ARG C 69 18.92 14.85 -2.83
N ILE C 70 19.11 13.75 -3.56
CA ILE C 70 19.12 12.40 -2.99
C ILE C 70 20.53 11.80 -3.05
N THR C 71 21.05 11.34 -1.92
CA THR C 71 22.37 10.70 -1.94
C THR C 71 22.20 9.21 -1.73
N TYR C 72 23.22 8.46 -2.13
CA TYR C 72 23.12 7.02 -2.09
C TYR C 72 24.52 6.45 -2.13
N GLY C 73 24.60 5.13 -1.91
CA GLY C 73 25.86 4.43 -1.89
C GLY C 73 26.11 3.55 -3.12
N LYS C 74 27.39 3.23 -3.37
N LYS C 74 27.38 3.24 -3.36
CA LYS C 74 27.73 2.25 -4.39
CA LYS C 74 27.75 2.35 -4.45
C LYS C 74 26.90 0.98 -4.22
C LYS C 74 27.02 1.03 -4.35
N GLU C 75 26.70 0.56 -2.98
N GLU C 75 26.71 0.58 -3.12
CA GLU C 75 25.92 -0.64 -2.71
CA GLU C 75 26.00 -0.68 -2.99
C GLU C 75 24.49 -0.54 -3.20
C GLU C 75 24.49 -0.54 -3.20
N ASP C 76 23.94 0.66 -3.39
CA ASP C 76 22.54 0.81 -3.86
C ASP C 76 22.40 0.63 -5.39
N LEU C 77 23.50 0.61 -6.13
CA LEU C 77 23.39 0.58 -7.58
C LEU C 77 22.88 -0.79 -8.02
N VAL C 78 22.04 -0.79 -9.05
CA VAL C 78 21.70 -2.02 -9.72
C VAL C 78 22.18 -1.86 -11.16
N ASP C 79 22.01 -2.90 -11.95
N ASP C 79 22.08 -2.93 -11.95
CA ASP C 79 22.50 -2.89 -13.33
CA ASP C 79 22.62 -2.91 -13.31
C ASP C 79 21.91 -1.71 -14.10
C ASP C 79 21.82 -1.94 -14.21
N TYR C 80 22.50 -1.46 -15.27
CA TYR C 80 21.94 -0.50 -16.25
C TYR C 80 21.68 0.86 -15.62
N SER C 81 22.69 1.38 -14.95
CA SER C 81 22.63 2.65 -14.20
C SER C 81 23.76 3.55 -14.70
N PRO C 82 23.77 3.86 -16.01
CA PRO C 82 24.89 4.63 -16.58
C PRO C 82 24.99 6.05 -16.02
N VAL C 83 23.92 6.65 -15.51
CA VAL C 83 24.04 8.00 -14.95
C VAL C 83 24.30 7.95 -13.45
N THR C 84 23.46 7.20 -12.72
CA THR C 84 23.57 7.16 -11.27
C THR C 84 24.89 6.55 -10.84
N GLU C 85 25.50 5.67 -11.66
CA GLU C 85 26.81 5.17 -11.25
C GLU C 85 27.88 6.26 -11.24
N LYS C 86 27.63 7.43 -11.86
CA LYS C 86 28.61 8.52 -11.86
C LYS C 86 28.43 9.49 -10.70
N HIS C 87 27.37 9.33 -9.91
CA HIS C 87 27.07 10.36 -8.91
C HIS C 87 26.98 9.78 -7.52
N VAL C 88 27.67 8.65 -7.27
CA VAL C 88 27.67 8.10 -5.91
C VAL C 88 28.17 9.13 -4.94
N GLY C 89 29.16 9.95 -5.37
CA GLY C 89 29.77 10.87 -4.42
C GLY C 89 28.93 12.10 -4.12
N ASP C 90 28.29 12.69 -5.12
CA ASP C 90 27.57 13.94 -4.95
C ASP C 90 26.04 13.78 -4.91
N GLY C 91 25.51 12.61 -5.20
CA GLY C 91 24.07 12.44 -5.31
C GLY C 91 23.49 13.15 -6.55
N MET C 92 22.16 13.09 -6.66
CA MET C 92 21.45 13.70 -7.76
C MET C 92 20.17 14.33 -7.24
N THR C 93 19.67 15.34 -7.99
CA THR C 93 18.34 15.89 -7.65
C THR C 93 17.20 15.04 -8.20
N VAL C 94 16.01 15.27 -7.62
CA VAL C 94 14.83 14.55 -8.10
C VAL C 94 14.65 14.73 -9.63
N ALA C 95 14.80 15.98 -10.12
CA ALA C 95 14.71 16.20 -11.57
C ALA C 95 15.80 15.43 -12.33
N GLU C 96 17.04 15.41 -11.82
CA GLU C 96 18.10 14.73 -12.59
C GLU C 96 17.83 13.24 -12.65
N LEU C 97 17.28 12.68 -11.55
CA LEU C 97 16.91 11.26 -11.53
C LEU C 97 15.78 10.98 -12.51
N CYS C 98 14.75 11.85 -12.52
CA CYS C 98 13.74 11.77 -13.56
C CYS C 98 14.33 11.78 -14.97
N GLU C 99 15.16 12.78 -15.27
CA GLU C 99 15.79 12.83 -16.57
C GLU C 99 16.57 11.54 -16.89
N ALA C 100 17.34 11.00 -15.92
CA ALA C 100 18.12 9.77 -16.12
C ALA C 100 17.24 8.55 -16.31
N ALA C 101 16.21 8.40 -15.45
CA ALA C 101 15.27 7.31 -15.60
C ALA C 101 14.62 7.30 -16.98
N ILE C 102 14.18 8.47 -17.47
CA ILE C 102 13.52 8.52 -18.81
C ILE C 102 14.51 8.41 -19.95
N THR C 103 15.51 9.30 -20.01
CA THR C 103 16.29 9.43 -21.25
C THR C 103 17.42 8.43 -21.38
N TYR C 104 17.93 7.88 -20.27
CA TYR C 104 18.90 6.79 -20.34
C TYR C 104 18.40 5.48 -19.77
N SER C 105 17.13 5.41 -19.38
CA SER C 105 16.54 4.20 -18.79
C SER C 105 17.35 3.77 -17.57
N ASP C 106 17.83 4.74 -16.79
CA ASP C 106 18.65 4.43 -15.62
C ASP C 106 17.81 3.64 -14.60
N ASN C 107 18.26 2.45 -14.19
CA ASN C 107 17.45 1.62 -13.30
C ASN C 107 17.59 2.06 -11.83
N THR C 108 18.75 2.46 -11.41
CA THR C 108 18.87 2.91 -10.02
C THR C 108 18.08 4.20 -9.81
N ALA C 109 18.21 5.17 -10.75
CA ALA C 109 17.32 6.33 -10.80
C ALA C 109 15.87 5.95 -10.51
N ALA C 110 15.33 4.98 -11.24
CA ALA C 110 13.94 4.54 -11.00
C ALA C 110 13.72 3.98 -9.60
N ASN C 111 14.69 3.24 -9.05
CA ASN C 111 14.48 2.77 -7.68
C ASN C 111 14.46 3.93 -6.70
N LEU C 112 15.37 4.89 -6.86
CA LEU C 112 15.38 6.04 -5.95
C LEU C 112 14.07 6.80 -6.02
N LEU C 113 13.47 6.86 -7.22
CA LEU C 113 12.26 7.62 -7.43
C LEU C 113 11.07 6.84 -6.92
N LEU C 114 11.07 5.51 -7.08
CA LEU C 114 10.02 4.71 -6.40
C LEU C 114 10.08 4.94 -4.89
N GLU C 115 11.27 5.00 -4.35
CA GLU C 115 11.42 5.33 -2.92
C GLU C 115 10.77 6.66 -2.59
N ALA C 116 11.10 7.69 -3.40
CA ALA C 116 10.42 8.97 -3.23
C ALA C 116 8.89 8.84 -3.20
N LEU C 117 8.27 7.99 -4.05
CA LEU C 117 6.79 7.77 -3.94
C LEU C 117 6.38 6.89 -2.76
N GLY C 118 7.26 6.05 -2.26
CA GLY C 118 6.89 5.09 -1.23
C GLY C 118 6.76 3.68 -1.73
N GLY C 119 7.15 3.42 -2.98
CA GLY C 119 7.08 2.04 -3.47
C GLY C 119 6.25 1.85 -4.71
N PRO C 120 6.35 0.65 -5.28
CA PRO C 120 5.52 0.34 -6.46
C PRO C 120 4.01 0.45 -6.15
N ALA C 121 3.60 0.16 -4.91
CA ALA C 121 2.15 0.23 -4.58
C ALA C 121 1.68 1.67 -4.68
N ALA C 122 2.61 2.63 -4.41
CA ALA C 122 2.19 4.01 -4.51
C ALA C 122 2.06 4.42 -5.95
N LEU C 123 2.93 3.86 -6.81
CA LEU C 123 2.78 4.14 -8.24
C LEU C 123 1.45 3.65 -8.72
N THR C 124 1.11 2.43 -8.33
CA THR C 124 -0.16 1.87 -8.73
C THR C 124 -1.33 2.71 -8.22
N ALA C 125 -1.24 3.26 -6.97
CA ALA C 125 -2.32 4.11 -6.46
C ALA C 125 -2.47 5.38 -7.29
N PHE C 126 -1.33 5.94 -7.75
CA PHE C 126 -1.41 7.12 -8.54
C PHE C 126 -2.14 6.83 -9.83
N LEU C 127 -1.84 5.68 -10.46
CA LEU C 127 -2.53 5.35 -11.71
C LEU C 127 -4.03 5.17 -11.43
N ARG C 128 -4.36 4.49 -10.33
CA ARG C 128 -5.78 4.35 -10.04
C ARG C 128 -6.39 5.71 -9.77
N SER C 129 -5.61 6.66 -9.21
CA SER C 129 -6.24 7.94 -8.94
C SER C 129 -6.55 8.71 -10.23
N ILE C 130 -6.03 8.30 -11.39
CA ILE C 130 -6.32 9.02 -12.62
C ILE C 130 -7.14 8.17 -13.55
N GLY C 131 -7.69 7.06 -13.04
CA GLY C 131 -8.62 6.29 -13.82
C GLY C 131 -8.04 5.20 -14.71
N ASP C 132 -6.78 4.83 -14.53
CA ASP C 132 -6.17 3.69 -15.23
C ASP C 132 -6.36 2.55 -14.28
N ASN C 133 -7.34 1.73 -14.59
CA ASN C 133 -7.69 0.67 -13.67
C ASN C 133 -6.98 -0.61 -14.01
N VAL C 134 -5.89 -0.53 -14.81
CA VAL C 134 -5.36 -1.70 -15.49
C VAL C 134 -3.90 -1.91 -15.18
N THR C 135 -3.07 -0.88 -15.41
CA THR C 135 -1.63 -0.93 -15.19
C THR C 135 -1.33 -1.16 -13.72
N ARG C 136 -0.27 -1.93 -13.46
CA ARG C 136 0.11 -2.22 -12.09
C ARG C 136 1.61 -2.37 -12.01
N LEU C 137 2.20 -1.76 -10.97
CA LEU C 137 3.59 -2.04 -10.67
C LEU C 137 3.64 -2.72 -9.31
N ASP C 138 4.53 -3.70 -9.21
CA ASP C 138 4.51 -4.68 -8.13
C ASP C 138 5.85 -4.80 -7.50
N ARG C 139 6.92 -4.65 -8.29
CA ARG C 139 8.28 -4.91 -7.83
C ARG C 139 9.22 -3.76 -8.19
N TRP C 140 10.43 -3.88 -7.70
CA TRP C 140 11.48 -2.91 -7.91
C TRP C 140 12.43 -3.37 -9.01
N GLU C 141 13.37 -2.51 -9.36
CA GLU C 141 14.48 -2.90 -10.26
C GLU C 141 15.51 -3.74 -9.51
N PRO C 142 16.02 -4.83 -10.13
CA PRO C 142 15.69 -5.24 -11.52
C PRO C 142 14.56 -6.27 -11.67
N GLU C 143 13.99 -6.73 -10.55
CA GLU C 143 13.08 -7.87 -10.63
C GLU C 143 11.84 -7.59 -11.47
N LEU C 144 11.45 -6.32 -11.63
CA LEU C 144 10.22 -6.04 -12.39
C LEU C 144 10.37 -6.34 -13.87
N ASN C 145 11.60 -6.65 -14.35
CA ASN C 145 11.83 -6.98 -15.76
C ASN C 145 11.80 -8.48 -16.06
N THR C 146 11.39 -9.35 -15.10
CA THR C 146 11.52 -10.80 -15.34
C THR C 146 10.59 -11.26 -16.46
N ALA C 147 9.47 -10.56 -16.68
CA ALA C 147 8.61 -10.77 -17.88
C ALA C 147 8.25 -12.26 -18.06
N ALA C 148 7.99 -12.93 -16.94
CA ALA C 148 7.56 -14.34 -17.00
C ALA C 148 6.19 -14.45 -17.66
N PRO C 149 5.98 -15.38 -18.61
CA PRO C 149 4.66 -15.53 -19.21
C PRO C 149 3.60 -15.93 -18.19
N GLY C 150 2.42 -15.28 -18.29
CA GLY C 150 1.29 -15.55 -17.42
C GLY C 150 1.39 -14.86 -16.07
N ASP C 151 2.47 -14.11 -15.82
CA ASP C 151 2.63 -13.42 -14.54
C ASP C 151 2.07 -12.02 -14.69
N PRO C 152 0.99 -11.65 -14.02
CA PRO C 152 0.43 -10.30 -14.25
C PRO C 152 1.18 -9.19 -13.56
N ARG C 153 2.14 -9.48 -12.68
CA ARG C 153 2.88 -8.41 -12.01
C ARG C 153 3.52 -7.52 -13.06
N ASP C 154 3.56 -6.21 -12.76
CA ASP C 154 4.36 -5.26 -13.53
C ASP C 154 3.97 -5.27 -15.00
N THR C 155 2.65 -5.34 -15.25
CA THR C 155 2.12 -5.37 -16.61
C THR C 155 1.25 -4.14 -16.85
N THR C 156 0.95 -3.93 -18.12
CA THR C 156 -0.06 -2.99 -18.58
C THR C 156 -0.64 -3.65 -19.81
N THR C 157 -1.56 -2.98 -20.49
CA THR C 157 -2.02 -3.36 -21.83
C THR C 157 -1.65 -2.22 -22.76
N PRO C 158 -1.52 -2.49 -24.06
CA PRO C 158 -1.14 -1.39 -24.95
C PRO C 158 -2.20 -0.30 -24.94
N ALA C 159 -3.47 -0.71 -24.90
CA ALA C 159 -4.53 0.29 -24.93
C ALA C 159 -4.54 1.10 -23.63
N ALA C 160 -4.30 0.44 -22.51
CA ALA C 160 -4.28 1.19 -21.23
C ALA C 160 -3.11 2.18 -21.22
N MET C 161 -1.92 1.72 -21.63
CA MET C 161 -0.76 2.59 -21.64
C MET C 161 -0.96 3.77 -22.58
N ALA C 162 -1.44 3.51 -23.79
CA ALA C 162 -1.72 4.60 -24.71
C ALA C 162 -2.69 5.63 -24.11
N ALA C 163 -3.84 5.18 -23.55
CA ALA C 163 -4.78 6.13 -23.01
C ALA C 163 -4.21 6.87 -21.79
N THR C 164 -3.40 6.20 -20.96
CA THR C 164 -2.84 6.87 -19.79
C THR C 164 -1.78 7.90 -20.20
N LEU C 165 -0.94 7.54 -21.16
CA LEU C 165 0.04 8.51 -21.64
C LEU C 165 -0.68 9.75 -22.18
N ARG C 166 -1.78 9.52 -22.92
N ARG C 166 -1.82 9.55 -22.86
CA ARG C 166 -2.60 10.64 -23.39
CA ARG C 166 -2.52 10.73 -23.39
C ARG C 166 -3.07 11.51 -22.22
C ARG C 166 -3.25 11.54 -22.31
N THR C 167 -3.73 10.89 -21.25
CA THR C 167 -4.21 11.66 -20.10
C THR C 167 -3.10 12.43 -19.46
N LEU C 168 -1.97 11.80 -19.23
CA LEU C 168 -0.87 12.50 -18.57
C LEU C 168 -0.39 13.69 -19.39
N LEU C 169 -0.20 13.51 -20.71
CA LEU C 169 0.42 14.60 -21.47
C LEU C 169 -0.58 15.67 -21.89
N LEU C 170 -1.84 15.35 -22.05
CA LEU C 170 -2.78 16.32 -22.58
C LEU C 170 -3.92 16.63 -21.63
N GLY C 171 -4.16 15.79 -20.62
CA GLY C 171 -5.23 16.02 -19.65
C GLY C 171 -4.85 17.07 -18.62
N ASP C 172 -5.67 17.18 -17.59
CA ASP C 172 -5.33 18.10 -16.52
C ASP C 172 -4.87 17.37 -15.27
N VAL C 173 -4.35 16.15 -15.41
CA VAL C 173 -3.74 15.47 -14.25
C VAL C 173 -2.55 16.24 -13.73
N LEU C 174 -1.68 16.71 -14.63
CA LEU C 174 -0.47 17.47 -14.32
C LEU C 174 -0.66 18.95 -14.65
N SER C 175 -0.04 19.82 -13.85
CA SER C 175 0.00 21.24 -14.22
C SER C 175 0.62 21.43 -15.61
N PRO C 176 0.39 22.59 -16.24
CA PRO C 176 1.00 22.85 -17.54
C PRO C 176 2.52 22.73 -17.52
N ALA C 177 3.17 23.26 -16.48
CA ALA C 177 4.62 23.16 -16.41
C ALA C 177 5.10 21.71 -16.30
N SER C 178 4.34 20.87 -15.57
CA SER C 178 4.73 19.47 -15.41
C SER C 178 4.40 18.68 -16.66
N ARG C 179 3.29 19.01 -17.32
CA ARG C 179 3.05 18.37 -18.62
C ARG C 179 4.22 18.64 -19.57
N GLN C 180 4.60 19.91 -19.71
CA GLN C 180 5.70 20.23 -20.63
C GLN C 180 6.98 19.52 -20.23
N GLN C 181 7.28 19.50 -18.92
CA GLN C 181 8.51 18.85 -18.46
C GLN C 181 8.54 17.38 -18.85
N LEU C 182 7.44 16.65 -18.63
CA LEU C 182 7.38 15.24 -19.02
C LEU C 182 7.54 15.05 -20.52
N VAL C 183 6.82 15.85 -21.32
CA VAL C 183 7.01 15.83 -22.77
C VAL C 183 8.48 16.06 -23.10
N ASP C 184 9.10 17.08 -22.49
CA ASP C 184 10.49 17.39 -22.86
C ASP C 184 11.45 16.24 -22.53
N TRP C 185 11.19 15.50 -21.42
CA TRP C 185 12.02 14.34 -21.08
C TRP C 185 11.85 13.25 -22.12
N LEU C 186 10.61 12.95 -22.50
CA LEU C 186 10.35 11.89 -23.47
C LEU C 186 10.98 12.21 -24.83
N ILE C 187 10.84 13.48 -25.27
CA ILE C 187 11.42 13.92 -26.54
C ILE C 187 12.93 13.77 -26.49
N ALA C 188 13.55 13.93 -25.33
CA ALA C 188 15.00 13.82 -25.23
C ALA C 188 15.46 12.38 -25.02
N ASN C 189 14.59 11.38 -25.15
CA ASN C 189 15.05 10.01 -24.92
C ASN C 189 16.22 9.60 -25.84
N LYS C 190 17.23 8.97 -25.23
CA LYS C 190 18.42 8.52 -25.95
C LYS C 190 18.39 7.04 -26.32
N THR C 191 17.38 6.26 -25.84
CA THR C 191 17.46 4.80 -25.89
C THR C 191 16.67 4.18 -27.02
N GLY C 192 15.95 4.99 -27.79
CA GLY C 192 14.91 4.48 -28.61
C GLY C 192 15.20 4.63 -30.08
N ASP C 193 16.46 4.90 -30.48
CA ASP C 193 16.70 5.18 -31.89
C ASP C 193 16.51 3.97 -32.79
N LYS C 194 16.59 2.77 -32.23
N LYS C 194 16.58 2.75 -32.28
CA LYS C 194 16.41 1.56 -33.03
CA LYS C 194 16.36 1.63 -33.19
C LYS C 194 14.97 1.10 -33.08
C LYS C 194 14.94 1.10 -33.13
N ARG C 195 14.06 1.78 -32.40
CA ARG C 195 12.70 1.25 -32.27
C ARG C 195 11.68 2.14 -32.98
N LEU C 196 10.68 2.69 -32.30
CA LEU C 196 9.63 3.40 -33.02
C LEU C 196 10.19 4.55 -33.84
N ARG C 197 11.10 5.34 -33.27
CA ARG C 197 11.74 6.42 -34.02
C ARG C 197 12.27 5.97 -35.40
N ALA C 198 12.74 4.72 -35.50
CA ALA C 198 13.42 4.28 -36.71
C ALA C 198 12.45 4.06 -37.86
N GLY C 199 11.20 3.65 -37.56
CA GLY C 199 10.23 3.52 -38.62
C GLY C 199 9.41 4.76 -38.90
N LEU C 200 9.45 5.73 -38.07
CA LEU C 200 8.65 6.94 -38.23
C LEU C 200 9.25 7.90 -39.26
N PRO C 201 8.41 8.59 -40.02
CA PRO C 201 8.93 9.66 -40.88
C PRO C 201 9.81 10.60 -40.09
N ALA C 202 10.90 11.03 -40.73
CA ALA C 202 11.91 11.84 -40.06
C ALA C 202 11.36 13.18 -39.58
N ASP C 203 10.38 13.76 -40.28
CA ASP C 203 9.87 15.04 -39.80
C ASP C 203 8.78 14.88 -38.70
N ASP C 204 8.59 13.70 -38.13
CA ASP C 204 7.71 13.58 -36.97
C ASP C 204 8.50 14.02 -35.74
N ARG C 205 7.87 14.83 -34.88
N ARG C 205 7.85 14.81 -34.87
CA ARG C 205 8.43 15.10 -33.55
CA ARG C 205 8.40 15.10 -33.55
C ARG C 205 8.04 13.92 -32.66
C ARG C 205 8.03 13.92 -32.64
N VAL C 206 9.01 13.34 -31.93
CA VAL C 206 8.76 12.12 -31.16
C VAL C 206 9.26 12.21 -29.71
N GLY C 207 8.40 11.88 -28.75
CA GLY C 207 8.84 11.47 -27.40
C GLY C 207 8.57 9.99 -27.19
N ASP C 208 9.49 9.26 -26.55
CA ASP C 208 9.27 7.83 -26.32
C ASP C 208 9.99 7.32 -25.07
N LYS C 209 9.54 6.16 -24.58
CA LYS C 209 10.21 5.42 -23.52
C LYS C 209 10.25 3.94 -23.88
N THR C 210 11.42 3.36 -23.82
CA THR C 210 11.62 1.97 -24.20
C THR C 210 11.51 1.06 -22.99
N GLY C 211 11.43 -0.23 -23.28
CA GLY C 211 11.56 -1.20 -22.21
C GLY C 211 12.11 -2.48 -22.76
N THR C 212 12.87 -3.19 -21.94
CA THR C 212 13.53 -4.40 -22.44
C THR C 212 13.58 -5.41 -21.31
N GLY C 213 13.37 -6.67 -21.60
CA GLY C 213 13.33 -7.58 -20.47
C GLY C 213 13.67 -9.00 -20.85
N GLU C 214 13.45 -9.91 -19.91
CA GLU C 214 13.67 -11.33 -20.17
C GLU C 214 12.61 -11.89 -21.11
N HIS C 215 12.83 -13.15 -21.50
CA HIS C 215 11.90 -13.86 -22.38
C HIS C 215 11.62 -13.07 -23.65
N GLY C 216 12.66 -12.51 -24.25
CA GLY C 216 12.48 -11.89 -25.57
C GLY C 216 11.55 -10.70 -25.56
N THR C 217 11.65 -9.86 -24.52
CA THR C 217 10.77 -8.71 -24.36
C THR C 217 11.40 -7.41 -24.85
N THR C 218 10.72 -6.70 -25.74
CA THR C 218 11.22 -5.45 -26.27
C THR C 218 10.03 -4.55 -26.45
N ASN C 219 10.01 -3.36 -25.84
CA ASN C 219 8.84 -2.50 -25.90
C ASN C 219 9.20 -1.07 -26.24
N ASP C 220 8.19 -0.27 -26.62
CA ASP C 220 8.43 1.16 -26.81
C ASP C 220 7.08 1.86 -26.81
N ILE C 221 6.94 2.96 -26.06
CA ILE C 221 5.73 3.78 -26.15
C ILE C 221 6.14 5.19 -26.54
N ALA C 222 5.28 5.87 -27.29
CA ALA C 222 5.65 7.13 -27.89
C ALA C 222 4.45 8.04 -28.01
N VAL C 223 4.72 9.34 -27.99
CA VAL C 223 3.79 10.36 -28.46
C VAL C 223 4.43 10.96 -29.70
N VAL C 224 3.64 11.07 -30.77
CA VAL C 224 4.15 11.46 -32.10
C VAL C 224 3.33 12.64 -32.61
N TRP C 225 4.02 13.74 -32.98
CA TRP C 225 3.37 14.87 -33.63
C TRP C 225 3.77 14.87 -35.09
N PRO C 226 2.93 14.41 -36.00
CA PRO C 226 3.25 14.62 -37.42
C PRO C 226 3.17 16.11 -37.73
N PRO C 227 3.81 16.58 -38.78
CA PRO C 227 3.81 18.03 -39.07
C PRO C 227 2.38 18.56 -39.14
N ASN C 228 2.13 19.63 -38.42
CA ASN C 228 0.86 20.34 -38.44
C ASN C 228 -0.36 19.44 -38.10
N ARG C 229 -0.19 18.45 -37.22
CA ARG C 229 -1.29 17.56 -36.84
C ARG C 229 -1.29 17.35 -35.34
N ALA C 230 -2.45 16.92 -34.82
CA ALA C 230 -2.56 16.61 -33.42
C ALA C 230 -1.70 15.41 -33.09
N PRO C 231 -1.28 15.26 -31.83
CA PRO C 231 -0.41 14.14 -31.50
C PRO C 231 -1.10 12.79 -31.56
N ILE C 232 -0.29 11.78 -31.79
CA ILE C 232 -0.79 10.41 -31.83
C ILE C 232 0.01 9.58 -30.84
N PHE C 233 -0.67 8.69 -30.13
CA PHE C 233 -0.01 7.88 -29.11
C PHE C 233 0.14 6.46 -29.62
N LEU C 234 1.35 5.94 -29.47
N LEU C 234 1.32 5.85 -29.41
CA LEU C 234 1.69 4.58 -29.87
CA LEU C 234 1.61 4.53 -29.97
C LEU C 234 2.16 3.82 -28.63
C LEU C 234 2.34 3.68 -28.94
N ALA C 235 1.73 2.59 -28.50
CA ALA C 235 2.22 1.69 -27.47
C ALA C 235 2.46 0.34 -28.11
N VAL C 236 3.70 -0.17 -28.05
CA VAL C 236 4.05 -1.40 -28.75
C VAL C 236 4.78 -2.30 -27.78
N TYR C 237 4.30 -3.52 -27.62
CA TYR C 237 4.85 -4.47 -26.66
C TYR C 237 5.13 -5.76 -27.38
N LEU C 238 6.33 -6.32 -27.17
CA LEU C 238 6.70 -7.59 -27.78
C LEU C 238 7.36 -8.43 -26.70
N THR C 239 6.90 -9.67 -26.54
CA THR C 239 7.41 -10.57 -25.52
C THR C 239 7.29 -12.00 -26.06
N GLU C 240 8.06 -12.90 -25.43
CA GLU C 240 8.24 -14.29 -25.86
C GLU C 240 8.80 -14.39 -27.27
N SER C 241 9.49 -13.35 -27.72
CA SER C 241 10.04 -13.37 -29.06
C SER C 241 11.25 -14.32 -29.11
N GLN C 242 11.41 -15.02 -30.23
N GLN C 242 11.39 -15.00 -30.25
CA GLN C 242 12.52 -15.96 -30.35
CA GLN C 242 12.44 -15.99 -30.48
C GLN C 242 13.65 -15.45 -31.25
C GLN C 242 13.61 -15.46 -31.31
N VAL C 243 13.59 -14.19 -31.70
CA VAL C 243 14.62 -13.62 -32.54
C VAL C 243 15.52 -12.74 -31.68
N ASP C 244 16.70 -12.37 -32.23
CA ASP C 244 17.71 -11.77 -31.37
C ASP C 244 17.37 -10.31 -31.09
N ALA C 245 18.18 -9.64 -30.26
CA ALA C 245 17.78 -8.31 -29.79
C ALA C 245 17.66 -7.32 -30.96
N ASP C 246 18.59 -7.38 -31.92
CA ASP C 246 18.49 -6.50 -33.08
C ASP C 246 17.22 -6.75 -33.86
N ALA C 247 16.88 -8.01 -34.06
CA ALA C 247 15.69 -8.30 -34.83
C ALA C 247 14.43 -7.88 -34.07
N ARG C 248 14.49 -7.93 -32.73
CA ARG C 248 13.34 -7.47 -31.95
C ARG C 248 13.17 -5.96 -32.10
N ASP C 249 14.28 -5.22 -32.08
CA ASP C 249 14.19 -3.78 -32.31
C ASP C 249 13.52 -3.52 -33.66
N ALA C 250 13.90 -4.30 -34.67
CA ALA C 250 13.38 -4.07 -36.03
C ALA C 250 11.89 -4.35 -36.11
N VAL C 251 11.38 -5.34 -35.37
CA VAL C 251 9.94 -5.54 -35.28
C VAL C 251 9.24 -4.25 -34.88
N ILE C 252 9.72 -3.63 -33.80
CA ILE C 252 9.10 -2.39 -33.36
C ILE C 252 9.19 -1.32 -34.43
N ALA C 253 10.40 -1.14 -35.00
CA ALA C 253 10.51 -0.23 -36.13
C ALA C 253 9.54 -0.60 -37.27
N GLU C 254 9.39 -1.89 -37.56
CA GLU C 254 8.45 -2.25 -38.61
C GLU C 254 7.00 -1.93 -38.19
N VAL C 255 6.70 -1.93 -36.86
CA VAL C 255 5.32 -1.64 -36.50
C VAL C 255 5.01 -0.18 -36.79
N ALA C 256 5.97 0.69 -36.55
CA ALA C 256 5.75 2.10 -36.86
C ALA C 256 5.52 2.27 -38.38
N ARG C 257 6.37 1.65 -39.19
CA ARG C 257 6.15 1.69 -40.64
C ARG C 257 4.75 1.24 -41.01
N LEU C 258 4.32 0.09 -40.47
CA LEU C 258 2.98 -0.41 -40.80
C LEU C 258 1.88 0.54 -40.35
N VAL C 259 1.99 1.06 -39.12
CA VAL C 259 0.95 1.96 -38.62
C VAL C 259 0.89 3.23 -39.46
N VAL C 260 2.05 3.83 -39.72
CA VAL C 260 2.08 5.08 -40.48
C VAL C 260 1.44 4.88 -41.84
N ALA C 261 1.74 3.74 -42.47
CA ALA C 261 1.18 3.48 -43.80
C ALA C 261 -0.33 3.27 -43.69
N ALA C 262 -0.76 2.70 -42.56
CA ALA C 262 -2.19 2.50 -42.43
C ALA C 262 -2.87 3.84 -42.26
N TRP C 263 -2.32 4.73 -41.42
CA TRP C 263 -2.96 6.02 -41.23
C TRP C 263 -3.00 6.78 -42.55
N LEU C 264 -1.97 6.61 -43.38
CA LEU C 264 -1.93 7.33 -44.64
C LEU C 264 -3.16 7.01 -45.48
N HIS C 265 -3.60 5.75 -45.46
CA HIS C 265 -4.74 5.32 -46.27
C HIS C 265 -6.08 5.58 -45.61
N HIS C 266 -6.09 6.17 -44.41
CA HIS C 266 -7.34 6.73 -43.89
C HIS C 266 -7.69 8.02 -44.62
N HIS C 267 -6.69 8.86 -44.86
CA HIS C 267 -6.88 10.12 -45.59
C HIS C 267 -6.47 9.98 -47.06
#